data_2EMB
#
_entry.id   2EMB
#
loop_
_entity.id
_entity.type
_entity.pdbx_description
1 polymer 'Zinc finger protein 473'
2 non-polymer 'ZINC ION'
#
_entity_poly.entity_id   1
_entity_poly.type   'polypeptide(L)'
_entity_poly.pdbx_seq_one_letter_code
;GSSGSSGHTRKRYECSKCQATFNLRKHLIQHQKTHAAKSGPSSG
;
_entity_poly.pdbx_strand_id   A
#
# COMPACT_ATOMS: atom_id res chain seq x y z
N GLY A 1 26.86 3.86 -10.47
CA GLY A 1 26.90 5.13 -11.19
C GLY A 1 27.03 6.32 -10.24
N SER A 2 28.00 6.25 -9.35
CA SER A 2 28.24 7.33 -8.39
C SER A 2 26.92 7.85 -7.84
N SER A 3 25.99 6.95 -7.55
CA SER A 3 24.68 7.32 -7.01
C SER A 3 24.78 7.68 -5.54
N GLY A 4 23.75 8.35 -5.03
CA GLY A 4 23.73 8.74 -3.64
C GLY A 4 22.76 7.91 -2.82
N SER A 5 23.24 7.35 -1.71
CA SER A 5 22.41 6.53 -0.84
C SER A 5 21.11 7.25 -0.49
N SER A 6 21.22 8.54 -0.16
CA SER A 6 20.05 9.34 0.19
C SER A 6 18.88 9.03 -0.72
N GLY A 7 17.88 8.35 -0.17
CA GLY A 7 16.71 7.99 -0.96
C GLY A 7 16.34 6.53 -0.83
N HIS A 8 15.58 6.20 0.21
CA HIS A 8 15.16 4.82 0.44
C HIS A 8 13.65 4.67 0.26
N THR A 9 13.22 4.49 -0.98
CA THR A 9 11.80 4.33 -1.29
C THR A 9 11.60 3.46 -2.53
N ARG A 10 10.53 2.68 -2.52
CA ARG A 10 10.21 1.80 -3.64
C ARG A 10 9.48 2.57 -4.74
N LYS A 11 9.59 2.07 -5.97
CA LYS A 11 8.94 2.70 -7.11
C LYS A 11 7.43 2.47 -7.07
N ARG A 12 6.98 1.73 -6.06
CA ARG A 12 5.56 1.43 -5.91
C ARG A 12 5.08 1.76 -4.50
N TYR A 13 3.76 1.84 -4.33
CA TYR A 13 3.19 2.15 -3.03
C TYR A 13 2.63 0.90 -2.37
N GLU A 14 3.15 0.57 -1.19
CA GLU A 14 2.70 -0.61 -0.46
C GLU A 14 1.69 -0.23 0.62
N CYS A 15 0.80 -1.15 0.94
CA CYS A 15 -0.23 -0.91 1.95
C CYS A 15 0.15 -1.59 3.27
N SER A 16 0.27 -0.79 4.32
CA SER A 16 0.62 -1.31 5.64
C SER A 16 -0.61 -1.80 6.38
N LYS A 17 -1.57 -2.35 5.63
CA LYS A 17 -2.80 -2.87 6.22
C LYS A 17 -3.10 -4.27 5.70
N CYS A 18 -2.81 -4.50 4.42
CA CYS A 18 -3.04 -5.80 3.80
C CYS A 18 -1.81 -6.28 3.04
N GLN A 19 -0.75 -5.47 3.09
CA GLN A 19 0.49 -5.81 2.40
C GLN A 19 0.26 -5.92 0.89
N ALA A 20 -0.50 -4.98 0.35
CA ALA A 20 -0.79 -4.98 -1.08
C ALA A 20 -0.04 -3.86 -1.79
N THR A 21 0.28 -4.07 -3.06
CA THR A 21 1.00 -3.08 -3.84
C THR A 21 0.08 -2.39 -4.84
N PHE A 22 0.43 -1.16 -5.22
CA PHE A 22 -0.37 -0.40 -6.17
C PHE A 22 0.52 0.36 -7.15
N ASN A 23 -0.03 0.69 -8.31
CA ASN A 23 0.73 1.40 -9.34
C ASN A 23 0.43 2.90 -9.27
N LEU A 24 -0.84 3.24 -9.11
CA LEU A 24 -1.26 4.64 -9.04
C LEU A 24 -1.32 5.11 -7.58
N ARG A 25 -0.89 6.35 -7.35
CA ARG A 25 -0.90 6.92 -6.01
C ARG A 25 -2.32 7.16 -5.53
N LYS A 26 -3.16 7.66 -6.42
CA LYS A 26 -4.55 7.94 -6.09
C LYS A 26 -5.32 6.65 -5.84
N HIS A 27 -4.90 5.58 -6.51
CA HIS A 27 -5.56 4.28 -6.36
C HIS A 27 -5.47 3.80 -4.91
N LEU A 28 -4.33 4.04 -4.28
CA LEU A 28 -4.12 3.63 -2.90
C LEU A 28 -4.89 4.52 -1.94
N ILE A 29 -5.00 5.79 -2.29
CA ILE A 29 -5.73 6.75 -1.45
C ILE A 29 -7.14 6.26 -1.15
N GLN A 30 -7.85 5.84 -2.20
CA GLN A 30 -9.21 5.35 -2.04
C GLN A 30 -9.22 3.99 -1.36
N HIS A 31 -8.27 3.15 -1.73
CA HIS A 31 -8.17 1.81 -1.15
C HIS A 31 -8.08 1.89 0.37
N GLN A 32 -7.32 2.86 0.87
CA GLN A 32 -7.15 3.03 2.31
C GLN A 32 -8.49 3.32 2.98
N LYS A 33 -9.47 3.76 2.19
CA LYS A 33 -10.79 4.07 2.72
C LYS A 33 -11.43 2.84 3.34
N THR A 34 -11.30 1.70 2.67
CA THR A 34 -11.86 0.45 3.17
C THR A 34 -11.11 -0.04 4.40
N HIS A 35 -9.97 0.59 4.68
CA HIS A 35 -9.16 0.21 5.84
C HIS A 35 -9.46 1.10 7.03
N ALA A 36 -10.56 1.83 6.95
CA ALA A 36 -10.96 2.73 8.03
C ALA A 36 -11.67 1.96 9.15
N ALA A 37 -11.14 0.80 9.48
CA ALA A 37 -11.72 -0.03 10.53
C ALA A 37 -11.23 0.40 11.91
N LYS A 38 -11.91 1.38 12.49
CA LYS A 38 -11.54 1.89 13.81
C LYS A 38 -11.57 0.78 14.85
N SER A 39 -10.51 0.68 15.64
CA SER A 39 -10.42 -0.34 16.68
C SER A 39 -11.76 -0.55 17.36
N GLY A 40 -12.25 -1.79 17.33
CA GLY A 40 -13.52 -2.10 17.95
C GLY A 40 -13.58 -3.52 18.49
N PRO A 41 -12.75 -3.80 19.51
CA PRO A 41 -12.69 -5.11 20.15
C PRO A 41 -13.94 -5.43 20.95
N SER A 42 -14.81 -4.44 21.10
CA SER A 42 -16.05 -4.61 21.85
C SER A 42 -17.25 -4.64 20.92
N SER A 43 -17.11 -5.34 19.80
CA SER A 43 -18.18 -5.45 18.81
C SER A 43 -18.66 -6.89 18.68
N GLY A 44 -19.91 -7.13 19.05
CA GLY A 44 -20.47 -8.46 18.97
C GLY A 44 -20.34 -9.06 17.58
N GLY A 1 22.59 -15.17 5.93
CA GLY A 1 22.52 -14.79 4.53
C GLY A 1 21.14 -14.29 4.13
N SER A 2 21.09 -13.15 3.46
CA SER A 2 19.82 -12.57 3.03
C SER A 2 19.85 -12.24 1.54
N SER A 3 18.78 -12.60 0.84
CA SER A 3 18.68 -12.36 -0.59
C SER A 3 17.88 -11.09 -0.88
N GLY A 4 18.11 -10.50 -2.04
CA GLY A 4 17.40 -9.28 -2.41
C GLY A 4 18.33 -8.16 -2.80
N SER A 5 19.36 -8.49 -3.59
CA SER A 5 20.33 -7.50 -4.03
C SER A 5 20.00 -7.01 -5.44
N SER A 6 19.07 -6.06 -5.52
CA SER A 6 18.65 -5.50 -6.80
C SER A 6 18.33 -4.01 -6.68
N GLY A 7 18.75 -3.23 -7.66
CA GLY A 7 18.50 -1.81 -7.65
C GLY A 7 17.02 -1.48 -7.69
N HIS A 8 16.45 -1.12 -6.54
CA HIS A 8 15.04 -0.78 -6.45
C HIS A 8 14.79 0.65 -6.89
N THR A 9 15.38 1.03 -8.02
CA THR A 9 15.23 2.37 -8.55
C THR A 9 13.76 2.80 -8.56
N ARG A 10 12.90 1.92 -9.04
CA ARG A 10 11.47 2.20 -9.11
C ARG A 10 10.78 1.81 -7.81
N LYS A 11 9.90 2.68 -7.33
CA LYS A 11 9.17 2.43 -6.09
C LYS A 11 7.69 2.19 -6.37
N ARG A 12 6.95 1.80 -5.34
CA ARG A 12 5.53 1.53 -5.48
C ARG A 12 4.81 1.71 -4.13
N TYR A 13 3.58 2.21 -4.18
CA TYR A 13 2.79 2.42 -2.97
C TYR A 13 2.35 1.09 -2.37
N GLU A 14 2.78 0.83 -1.14
CA GLU A 14 2.43 -0.40 -0.45
C GLU A 14 1.57 -0.12 0.77
N CYS A 15 0.76 -1.09 1.17
CA CYS A 15 -0.12 -0.96 2.32
C CYS A 15 0.41 -1.77 3.50
N SER A 16 0.65 -1.09 4.62
CA SER A 16 1.16 -1.76 5.82
C SER A 16 0.00 -2.31 6.65
N LYS A 17 -1.03 -2.81 5.99
CA LYS A 17 -2.19 -3.37 6.67
C LYS A 17 -2.60 -4.71 6.05
N CYS A 18 -2.75 -4.72 4.73
CA CYS A 18 -3.13 -5.93 4.02
C CYS A 18 -2.02 -6.37 3.06
N GLN A 19 -0.91 -5.65 3.08
CA GLN A 19 0.22 -5.96 2.21
C GLN A 19 -0.20 -5.95 0.75
N ALA A 20 -0.78 -4.83 0.32
CA ALA A 20 -1.23 -4.69 -1.06
C ALA A 20 -0.39 -3.65 -1.80
N THR A 21 0.03 -3.99 -3.01
CA THR A 21 0.85 -3.09 -3.81
C THR A 21 0.02 -2.45 -4.93
N PHE A 22 0.18 -1.15 -5.11
CA PHE A 22 -0.55 -0.42 -6.14
C PHE A 22 0.40 0.17 -7.17
N ASN A 23 -0.16 0.66 -8.27
CA ASN A 23 0.64 1.25 -9.34
C ASN A 23 0.69 2.77 -9.21
N LEU A 24 -0.47 3.39 -9.11
CA LEU A 24 -0.56 4.84 -8.97
C LEU A 24 -0.92 5.24 -7.54
N ARG A 25 -0.89 6.54 -7.27
CA ARG A 25 -1.22 7.05 -5.94
C ARG A 25 -2.74 7.16 -5.76
N LYS A 26 -3.39 7.87 -6.68
CA LYS A 26 -4.83 8.04 -6.62
C LYS A 26 -5.53 6.74 -6.22
N HIS A 27 -5.04 5.64 -6.77
CA HIS A 27 -5.62 4.33 -6.48
C HIS A 27 -5.48 4.00 -4.99
N LEU A 28 -4.27 4.15 -4.46
CA LEU A 28 -4.01 3.87 -3.06
C LEU A 28 -4.98 4.62 -2.16
N ILE A 29 -4.97 5.95 -2.27
CA ILE A 29 -5.85 6.78 -1.46
C ILE A 29 -7.23 6.16 -1.33
N GLN A 30 -7.78 5.70 -2.46
CA GLN A 30 -9.10 5.08 -2.47
C GLN A 30 -9.12 3.82 -1.61
N HIS A 31 -8.06 3.02 -1.73
CA HIS A 31 -7.95 1.78 -0.97
C HIS A 31 -8.03 2.07 0.54
N GLN A 32 -7.11 2.90 1.02
CA GLN A 32 -7.07 3.24 2.44
C GLN A 32 -8.49 3.42 3.00
N LYS A 33 -9.41 3.82 2.13
CA LYS A 33 -10.79 4.02 2.53
C LYS A 33 -11.37 2.75 3.15
N THR A 34 -11.15 1.62 2.49
CA THR A 34 -11.65 0.34 2.98
C THR A 34 -10.97 -0.06 4.29
N HIS A 35 -9.93 0.68 4.65
CA HIS A 35 -9.19 0.41 5.87
C HIS A 35 -9.66 1.33 7.00
N ALA A 36 -10.87 1.85 6.87
CA ALA A 36 -11.43 2.74 7.88
C ALA A 36 -12.79 2.23 8.37
N ALA A 37 -13.08 2.49 9.64
CA ALA A 37 -14.35 2.06 10.23
C ALA A 37 -14.91 3.14 11.16
N LYS A 38 -16.21 3.39 11.05
CA LYS A 38 -16.87 4.39 11.88
C LYS A 38 -17.03 3.89 13.31
N SER A 39 -17.43 2.62 13.44
CA SER A 39 -17.61 2.02 14.76
C SER A 39 -16.59 2.54 15.75
N GLY A 40 -15.31 2.30 15.46
CA GLY A 40 -14.25 2.75 16.33
C GLY A 40 -12.88 2.24 15.90
N PRO A 41 -11.87 2.44 16.75
CA PRO A 41 -10.50 1.99 16.48
C PRO A 41 -10.37 0.48 16.52
N SER A 42 -9.64 -0.07 15.54
CA SER A 42 -9.44 -1.51 15.45
C SER A 42 -8.30 -1.95 16.39
N SER A 43 -8.37 -1.49 17.63
CA SER A 43 -7.35 -1.83 18.62
C SER A 43 -7.10 -3.33 18.64
N GLY A 44 -6.00 -3.74 19.28
CA GLY A 44 -5.66 -5.14 19.35
C GLY A 44 -5.97 -5.89 18.06
N GLY A 1 32.28 -7.30 -0.37
CA GLY A 1 31.71 -7.75 -1.63
C GLY A 1 31.59 -6.62 -2.63
N SER A 2 30.36 -6.29 -3.01
CA SER A 2 30.11 -5.22 -3.97
C SER A 2 29.04 -4.26 -3.46
N SER A 3 29.34 -2.96 -3.52
CA SER A 3 28.40 -1.94 -3.07
C SER A 3 28.46 -0.72 -3.96
N GLY A 4 27.29 -0.25 -4.39
CA GLY A 4 27.23 0.92 -5.25
C GLY A 4 25.85 1.55 -5.27
N SER A 5 25.39 1.91 -6.46
CA SER A 5 24.07 2.54 -6.61
C SER A 5 23.14 1.66 -7.44
N SER A 6 22.47 0.71 -6.77
CA SER A 6 21.56 -0.19 -7.45
C SER A 6 20.11 0.15 -7.11
N GLY A 7 19.53 1.05 -7.89
CA GLY A 7 18.16 1.46 -7.67
C GLY A 7 17.74 2.64 -8.53
N HIS A 8 16.98 2.36 -9.57
CA HIS A 8 16.51 3.42 -10.48
C HIS A 8 15.00 3.59 -10.39
N THR A 9 14.54 4.18 -9.29
CA THR A 9 13.12 4.41 -9.08
C THR A 9 12.32 3.16 -9.41
N ARG A 10 12.80 2.00 -8.95
CA ARG A 10 12.12 0.74 -9.19
C ARG A 10 11.37 0.27 -7.95
N LYS A 11 10.18 0.85 -7.74
CA LYS A 11 9.36 0.48 -6.59
C LYS A 11 7.88 0.76 -6.86
N ARG A 12 7.02 0.38 -5.92
CA ARG A 12 5.59 0.58 -6.07
C ARG A 12 4.95 0.94 -4.73
N TYR A 13 3.76 1.53 -4.79
CA TYR A 13 3.05 1.92 -3.59
C TYR A 13 2.50 0.71 -2.85
N GLU A 14 3.03 0.45 -1.66
CA GLU A 14 2.59 -0.68 -0.85
C GLU A 14 1.71 -0.22 0.31
N CYS A 15 0.81 -1.09 0.73
CA CYS A 15 -0.10 -0.78 1.83
C CYS A 15 0.41 -1.37 3.15
N SER A 16 0.57 -0.52 4.15
CA SER A 16 1.05 -0.95 5.46
C SER A 16 -0.10 -1.45 6.32
N LYS A 17 -1.21 -1.82 5.67
CA LYS A 17 -2.38 -2.32 6.39
C LYS A 17 -2.73 -3.74 5.92
N CYS A 18 -2.68 -3.95 4.61
CA CYS A 18 -2.99 -5.27 4.04
C CYS A 18 -1.81 -5.80 3.24
N GLN A 19 -0.71 -5.06 3.25
CA GLN A 19 0.49 -5.48 2.53
C GLN A 19 0.19 -5.71 1.06
N ALA A 20 -0.52 -4.77 0.46
CA ALA A 20 -0.88 -4.87 -0.96
C ALA A 20 -0.03 -3.94 -1.81
N THR A 21 -0.19 -4.04 -3.13
CA THR A 21 0.57 -3.21 -4.06
C THR A 21 -0.35 -2.42 -4.98
N PHE A 22 0.04 -1.20 -5.31
CA PHE A 22 -0.75 -0.34 -6.18
C PHE A 22 0.13 0.35 -7.22
N ASN A 23 -0.35 0.39 -8.46
CA ASN A 23 0.39 1.02 -9.54
C ASN A 23 0.46 2.53 -9.35
N LEU A 24 -0.69 3.14 -9.07
CA LEU A 24 -0.76 4.58 -8.87
C LEU A 24 -0.87 4.92 -7.38
N ARG A 25 -0.57 6.16 -7.04
CA ARG A 25 -0.64 6.61 -5.65
C ARG A 25 -2.07 6.94 -5.25
N LYS A 26 -2.75 7.71 -6.10
CA LYS A 26 -4.13 8.10 -5.84
C LYS A 26 -5.01 6.87 -5.57
N HIS A 27 -4.76 5.80 -6.32
CA HIS A 27 -5.53 4.57 -6.16
C HIS A 27 -5.45 4.07 -4.72
N LEU A 28 -4.25 4.08 -4.17
CA LEU A 28 -4.05 3.63 -2.78
C LEU A 28 -4.90 4.44 -1.82
N ILE A 29 -4.68 5.73 -1.77
CA ILE A 29 -5.43 6.61 -0.89
C ILE A 29 -6.90 6.22 -0.84
N GLN A 30 -7.49 6.00 -2.02
CA GLN A 30 -8.89 5.62 -2.11
C GLN A 30 -9.12 4.24 -1.49
N HIS A 31 -8.23 3.30 -1.79
CA HIS A 31 -8.34 1.95 -1.25
C HIS A 31 -8.35 1.97 0.27
N GLN A 32 -7.41 2.71 0.86
CA GLN A 32 -7.31 2.81 2.32
C GLN A 32 -8.70 2.86 2.95
N LYS A 33 -9.61 3.59 2.31
CA LYS A 33 -10.97 3.72 2.82
C LYS A 33 -11.52 2.36 3.24
N THR A 34 -11.44 1.38 2.35
CA THR A 34 -11.92 0.03 2.63
C THR A 34 -11.55 -0.40 4.04
N HIS A 35 -10.39 0.05 4.51
CA HIS A 35 -9.92 -0.29 5.83
C HIS A 35 -10.70 0.45 6.91
N ALA A 36 -11.06 1.70 6.60
CA ALA A 36 -11.82 2.53 7.54
C ALA A 36 -13.25 2.02 7.68
N ALA A 37 -13.56 1.47 8.85
CA ALA A 37 -14.89 0.95 9.11
C ALA A 37 -15.37 1.35 10.51
N LYS A 38 -16.62 1.02 10.82
CA LYS A 38 -17.20 1.34 12.12
C LYS A 38 -17.64 0.08 12.85
N SER A 39 -17.30 -0.02 14.13
CA SER A 39 -17.64 -1.18 14.93
C SER A 39 -17.08 -2.46 14.32
N GLY A 40 -15.83 -2.39 13.86
CA GLY A 40 -15.19 -3.55 13.27
C GLY A 40 -13.74 -3.28 12.92
N PRO A 41 -12.90 -3.12 13.95
CA PRO A 41 -11.47 -2.85 13.77
C PRO A 41 -10.72 -4.06 13.23
N SER A 42 -10.11 -3.92 12.06
CA SER A 42 -9.36 -5.00 11.43
C SER A 42 -7.89 -4.65 11.33
N SER A 43 -7.34 -4.06 12.39
CA SER A 43 -5.94 -3.68 12.42
C SER A 43 -5.03 -4.91 12.41
N GLY A 44 -4.75 -5.42 11.22
CA GLY A 44 -3.90 -6.59 11.11
C GLY A 44 -2.94 -6.51 9.93
N GLY A 1 36.45 0.38 6.32
CA GLY A 1 35.58 -0.61 6.95
C GLY A 1 34.12 -0.22 6.84
N SER A 2 33.42 -0.78 5.85
CA SER A 2 32.02 -0.48 5.64
C SER A 2 31.21 -1.77 5.45
N SER A 3 29.92 -1.69 5.71
CA SER A 3 29.04 -2.85 5.58
C SER A 3 28.12 -2.71 4.37
N GLY A 4 27.65 -3.84 3.85
CA GLY A 4 26.77 -3.81 2.70
C GLY A 4 25.33 -3.57 3.07
N SER A 5 24.60 -2.83 2.25
CA SER A 5 23.20 -2.53 2.50
C SER A 5 22.31 -3.11 1.41
N SER A 6 21.11 -3.55 1.79
CA SER A 6 20.17 -4.13 0.85
C SER A 6 19.27 -3.06 0.25
N GLY A 7 18.65 -3.38 -0.88
CA GLY A 7 17.77 -2.43 -1.55
C GLY A 7 16.79 -3.10 -2.49
N HIS A 8 15.51 -3.09 -2.13
CA HIS A 8 14.48 -3.71 -2.94
C HIS A 8 13.73 -2.65 -3.75
N THR A 9 13.47 -2.96 -5.02
CA THR A 9 12.76 -2.05 -5.90
C THR A 9 11.31 -1.85 -5.45
N ARG A 10 11.11 -0.93 -4.52
CA ARG A 10 9.78 -0.65 -4.00
C ARG A 10 9.16 0.56 -4.71
N LYS A 11 9.26 0.57 -6.03
CA LYS A 11 8.72 1.67 -6.83
C LYS A 11 7.19 1.64 -6.81
N ARG A 12 6.63 0.65 -6.14
CA ARG A 12 5.18 0.50 -6.04
C ARG A 12 4.69 0.85 -4.64
N TYR A 13 3.48 1.37 -4.56
CA TYR A 13 2.89 1.74 -3.28
C TYR A 13 2.36 0.53 -2.53
N GLU A 14 2.80 0.37 -1.29
CA GLU A 14 2.38 -0.77 -0.47
C GLU A 14 1.54 -0.29 0.72
N CYS A 15 0.64 -1.16 1.17
CA CYS A 15 -0.22 -0.83 2.31
C CYS A 15 0.31 -1.46 3.60
N SER A 16 0.38 -0.65 4.65
CA SER A 16 0.87 -1.12 5.94
C SER A 16 -0.25 -1.78 6.74
N LYS A 17 -1.23 -2.33 6.04
CA LYS A 17 -2.36 -2.99 6.67
C LYS A 17 -2.64 -4.34 6.01
N CYS A 18 -2.48 -4.39 4.70
CA CYS A 18 -2.71 -5.61 3.94
C CYS A 18 -1.57 -5.88 2.95
N GLN A 19 -0.58 -5.00 2.96
CA GLN A 19 0.57 -5.13 2.07
C GLN A 19 0.11 -5.23 0.61
N ALA A 20 -0.84 -4.38 0.24
CA ALA A 20 -1.36 -4.36 -1.13
C ALA A 20 -0.50 -3.48 -2.03
N THR A 21 -0.18 -4.00 -3.21
CA THR A 21 0.63 -3.26 -4.17
C THR A 21 -0.24 -2.54 -5.20
N PHE A 22 0.14 -1.31 -5.53
CA PHE A 22 -0.60 -0.52 -6.50
C PHE A 22 0.33 0.08 -7.55
N ASN A 23 -0.25 0.64 -8.60
CA ASN A 23 0.52 1.25 -9.67
C ASN A 23 0.70 2.75 -9.43
N LEU A 24 -0.40 3.44 -9.22
CA LEU A 24 -0.37 4.88 -8.97
C LEU A 24 -0.61 5.19 -7.49
N ARG A 25 -0.66 6.47 -7.17
CA ARG A 25 -0.88 6.91 -5.79
C ARG A 25 -2.37 7.01 -5.49
N LYS A 26 -3.03 7.96 -6.13
CA LYS A 26 -4.46 8.17 -5.94
C LYS A 26 -5.19 6.84 -5.79
N HIS A 27 -4.63 5.79 -6.39
CA HIS A 27 -5.22 4.46 -6.32
C HIS A 27 -5.22 3.93 -4.88
N LEU A 28 -4.09 4.07 -4.21
CA LEU A 28 -3.96 3.60 -2.84
C LEU A 28 -4.87 4.40 -1.91
N ILE A 29 -4.98 5.69 -2.16
CA ILE A 29 -5.81 6.57 -1.35
C ILE A 29 -7.21 5.99 -1.19
N GLN A 30 -7.84 5.64 -2.32
CA GLN A 30 -9.18 5.07 -2.29
C GLN A 30 -9.20 3.75 -1.54
N HIS A 31 -8.23 2.88 -1.83
CA HIS A 31 -8.14 1.59 -1.17
C HIS A 31 -8.16 1.74 0.34
N GLN A 32 -7.31 2.63 0.85
CA GLN A 32 -7.22 2.88 2.29
C GLN A 32 -8.61 3.01 2.90
N LYS A 33 -9.48 3.76 2.22
CA LYS A 33 -10.84 3.97 2.70
C LYS A 33 -11.40 2.69 3.32
N THR A 34 -11.33 1.59 2.58
CA THR A 34 -11.82 0.31 3.06
C THR A 34 -11.37 0.04 4.48
N HIS A 35 -10.11 0.36 4.77
CA HIS A 35 -9.56 0.14 6.10
C HIS A 35 -10.18 1.10 7.10
N ALA A 36 -10.48 2.32 6.65
CA ALA A 36 -11.08 3.33 7.51
C ALA A 36 -10.07 3.87 8.52
N ALA A 37 -8.83 4.04 8.07
CA ALA A 37 -7.76 4.55 8.92
C ALA A 37 -7.99 6.03 9.25
N LYS A 38 -7.23 6.54 10.21
CA LYS A 38 -7.35 7.93 10.61
C LYS A 38 -6.10 8.39 11.36
N SER A 39 -5.71 9.64 11.15
CA SER A 39 -4.52 10.20 11.79
C SER A 39 -4.81 10.51 13.26
N GLY A 40 -5.97 11.10 13.52
CA GLY A 40 -6.34 11.45 14.88
C GLY A 40 -7.82 11.28 15.13
N PRO A 41 -8.30 11.82 16.26
CA PRO A 41 -9.71 11.74 16.65
C PRO A 41 -10.61 12.57 15.74
N SER A 42 -11.90 12.57 16.04
CA SER A 42 -12.88 13.31 15.25
C SER A 42 -12.93 14.77 15.69
N SER A 43 -11.77 15.40 15.83
CA SER A 43 -11.69 16.78 16.26
C SER A 43 -10.60 17.52 15.48
N GLY A 44 -10.53 18.84 15.68
CA GLY A 44 -9.54 19.65 15.00
C GLY A 44 -8.12 19.25 15.36
N GLY A 1 27.74 -9.53 -4.93
CA GLY A 1 26.71 -9.60 -3.91
C GLY A 1 25.31 -9.55 -4.48
N SER A 2 25.00 -8.47 -5.21
CA SER A 2 23.69 -8.30 -5.81
C SER A 2 23.78 -7.57 -7.14
N SER A 3 22.72 -7.64 -7.93
CA SER A 3 22.68 -6.99 -9.23
C SER A 3 22.66 -5.47 -9.07
N GLY A 4 23.78 -4.83 -9.33
CA GLY A 4 23.87 -3.38 -9.22
C GLY A 4 23.32 -2.67 -10.44
N SER A 5 23.96 -2.88 -11.58
CA SER A 5 23.53 -2.25 -12.82
C SER A 5 22.01 -2.27 -12.94
N SER A 6 21.41 -3.41 -12.61
CA SER A 6 19.96 -3.56 -12.69
C SER A 6 19.26 -2.25 -12.33
N GLY A 7 19.59 -1.72 -11.16
CA GLY A 7 18.98 -0.48 -10.71
C GLY A 7 18.17 -0.65 -9.45
N HIS A 8 17.25 -1.63 -9.46
CA HIS A 8 16.40 -1.89 -8.30
C HIS A 8 15.44 -0.74 -8.05
N THR A 9 14.86 -0.22 -9.13
CA THR A 9 13.92 0.90 -9.03
C THR A 9 12.50 0.46 -9.41
N ARG A 10 12.12 -0.74 -8.97
CA ARG A 10 10.80 -1.27 -9.28
C ARG A 10 9.89 -1.18 -8.06
N LYS A 11 9.95 -0.04 -7.37
CA LYS A 11 9.12 0.17 -6.18
C LYS A 11 7.66 0.36 -6.56
N ARG A 12 6.78 0.36 -5.56
CA ARG A 12 5.36 0.52 -5.79
C ARG A 12 4.61 0.67 -4.47
N TYR A 13 3.75 1.68 -4.39
CA TYR A 13 2.97 1.93 -3.19
C TYR A 13 2.51 0.62 -2.56
N GLU A 14 2.90 0.39 -1.31
CA GLU A 14 2.52 -0.82 -0.59
C GLU A 14 1.71 -0.48 0.66
N CYS A 15 0.49 -1.00 0.72
CA CYS A 15 -0.39 -0.75 1.86
C CYS A 15 0.16 -1.40 3.12
N SER A 16 0.43 -0.58 4.14
CA SER A 16 0.97 -1.09 5.40
C SER A 16 -0.16 -1.54 6.31
N LYS A 17 -1.23 -2.06 5.72
CA LYS A 17 -2.37 -2.55 6.48
C LYS A 17 -2.74 -3.97 6.07
N CYS A 18 -2.61 -4.26 4.78
CA CYS A 18 -2.94 -5.58 4.25
C CYS A 18 -1.83 -6.07 3.31
N GLN A 19 -0.76 -5.29 3.22
CA GLN A 19 0.37 -5.66 2.36
C GLN A 19 -0.07 -5.74 0.90
N ALA A 20 -0.69 -4.67 0.41
CA ALA A 20 -1.14 -4.63 -0.97
C ALA A 20 -0.19 -3.83 -1.84
N THR A 21 -0.55 -3.64 -3.11
CA THR A 21 0.27 -2.89 -4.04
C THR A 21 -0.59 -2.06 -4.99
N PHE A 22 -0.02 -0.97 -5.50
CA PHE A 22 -0.72 -0.09 -6.42
C PHE A 22 0.24 0.66 -7.32
N ASN A 23 -0.05 0.68 -8.61
CA ASN A 23 0.80 1.35 -9.59
C ASN A 23 0.70 2.87 -9.43
N LEU A 24 -0.51 3.36 -9.23
CA LEU A 24 -0.75 4.79 -9.06
C LEU A 24 -0.93 5.14 -7.60
N ARG A 25 -0.65 6.40 -7.25
CA ARG A 25 -0.80 6.87 -5.88
C ARG A 25 -2.27 6.98 -5.49
N LYS A 26 -2.98 7.90 -6.15
CA LYS A 26 -4.40 8.11 -5.88
C LYS A 26 -5.12 6.78 -5.71
N HIS A 27 -4.59 5.74 -6.35
CA HIS A 27 -5.19 4.41 -6.27
C HIS A 27 -5.16 3.88 -4.83
N LEU A 28 -4.02 4.04 -4.17
CA LEU A 28 -3.86 3.59 -2.80
C LEU A 28 -4.84 4.30 -1.87
N ILE A 29 -4.84 5.62 -1.92
CA ILE A 29 -5.74 6.41 -1.08
C ILE A 29 -7.15 5.84 -1.10
N GLN A 30 -7.65 5.54 -2.29
CA GLN A 30 -8.98 4.99 -2.45
C GLN A 30 -9.13 3.69 -1.67
N HIS A 31 -8.18 2.78 -1.87
CA HIS A 31 -8.20 1.49 -1.20
C HIS A 31 -8.21 1.67 0.32
N GLN A 32 -7.20 2.35 0.84
CA GLN A 32 -7.10 2.60 2.28
C GLN A 32 -8.47 2.84 2.88
N LYS A 33 -9.30 3.62 2.18
CA LYS A 33 -10.64 3.92 2.65
C LYS A 33 -11.30 2.69 3.27
N THR A 34 -11.22 1.56 2.56
CA THR A 34 -11.81 0.32 3.03
C THR A 34 -11.48 0.08 4.49
N HIS A 35 -10.22 0.30 4.85
CA HIS A 35 -9.76 0.11 6.23
C HIS A 35 -10.39 1.15 7.16
N ALA A 36 -10.52 2.38 6.65
CA ALA A 36 -11.10 3.46 7.43
C ALA A 36 -12.51 3.13 7.89
N ALA A 37 -13.35 2.75 6.94
CA ALA A 37 -14.74 2.40 7.24
C ALA A 37 -15.12 1.07 6.60
N LYS A 38 -15.15 0.01 7.41
CA LYS A 38 -15.50 -1.32 6.93
C LYS A 38 -16.71 -1.87 7.68
N SER A 39 -17.74 -1.04 7.82
CA SER A 39 -18.96 -1.45 8.52
C SER A 39 -19.97 -2.03 7.55
N GLY A 40 -19.49 -2.85 6.62
CA GLY A 40 -20.36 -3.46 5.63
C GLY A 40 -21.48 -2.53 5.20
N PRO A 41 -21.16 -1.59 4.29
CA PRO A 41 -22.12 -0.62 3.77
C PRO A 41 -23.16 -1.27 2.87
N SER A 42 -24.31 -1.62 3.45
CA SER A 42 -25.39 -2.25 2.69
C SER A 42 -26.73 -1.61 3.01
N SER A 43 -27.11 -1.66 4.28
CA SER A 43 -28.38 -1.08 4.73
C SER A 43 -28.68 0.21 3.97
N GLY A 44 -27.79 1.19 4.10
CA GLY A 44 -27.97 2.46 3.44
C GLY A 44 -28.55 3.51 4.35
N GLY A 1 33.35 4.07 10.78
CA GLY A 1 32.02 3.56 10.48
C GLY A 1 31.52 4.02 9.12
N SER A 2 31.80 3.22 8.09
CA SER A 2 31.37 3.55 6.73
C SER A 2 29.87 3.35 6.58
N SER A 3 29.13 4.46 6.49
CA SER A 3 27.69 4.40 6.34
C SER A 3 27.18 5.58 5.49
N GLY A 4 26.51 5.25 4.40
CA GLY A 4 25.98 6.28 3.52
C GLY A 4 24.47 6.21 3.38
N SER A 5 24.00 6.03 2.15
CA SER A 5 22.57 5.96 1.89
C SER A 5 22.10 4.51 1.86
N SER A 6 20.93 4.25 2.44
CA SER A 6 20.37 2.91 2.48
C SER A 6 19.98 2.44 1.07
N GLY A 7 19.11 3.21 0.43
CA GLY A 7 18.67 2.87 -0.91
C GLY A 7 17.21 2.43 -0.94
N HIS A 8 16.36 3.25 -1.56
CA HIS A 8 14.94 2.94 -1.65
C HIS A 8 14.64 2.18 -2.94
N THR A 9 15.14 2.68 -4.06
CA THR A 9 14.92 2.05 -5.35
C THR A 9 13.51 1.49 -5.46
N ARG A 10 12.54 2.23 -4.93
CA ARG A 10 11.14 1.81 -4.96
C ARG A 10 10.41 2.47 -6.12
N LYS A 11 9.64 1.67 -6.86
CA LYS A 11 8.88 2.18 -7.99
C LYS A 11 7.39 1.87 -7.83
N ARG A 12 7.03 1.30 -6.69
CA ARG A 12 5.65 0.94 -6.42
C ARG A 12 5.25 1.35 -5.00
N TYR A 13 3.95 1.42 -4.75
CA TYR A 13 3.45 1.80 -3.43
C TYR A 13 2.92 0.58 -2.68
N GLU A 14 3.29 0.47 -1.41
CA GLU A 14 2.85 -0.64 -0.58
C GLU A 14 1.85 -0.17 0.48
N CYS A 15 0.92 -1.06 0.85
CA CYS A 15 -0.08 -0.74 1.85
C CYS A 15 0.43 -1.04 3.26
N SER A 16 -0.30 -0.57 4.26
CA SER A 16 0.09 -0.78 5.65
C SER A 16 -0.77 -1.86 6.30
N LYS A 17 -2.03 -1.94 5.88
CA LYS A 17 -2.96 -2.92 6.42
C LYS A 17 -2.81 -4.26 5.69
N CYS A 18 -3.19 -4.29 4.42
CA CYS A 18 -3.10 -5.49 3.61
C CYS A 18 -1.69 -5.66 3.05
N GLN A 19 -0.91 -4.60 3.10
CA GLN A 19 0.46 -4.63 2.59
C GLN A 19 0.48 -5.06 1.13
N ALA A 20 -0.47 -4.56 0.35
CA ALA A 20 -0.55 -4.89 -1.07
C ALA A 20 0.22 -3.88 -1.92
N THR A 21 0.17 -4.06 -3.23
CA THR A 21 0.86 -3.16 -4.15
C THR A 21 -0.12 -2.43 -5.07
N PHE A 22 0.18 -1.18 -5.38
CA PHE A 22 -0.68 -0.38 -6.25
C PHE A 22 0.15 0.37 -7.28
N ASN A 23 -0.31 0.36 -8.52
CA ASN A 23 0.39 1.04 -9.61
C ASN A 23 0.27 2.55 -9.46
N LEU A 24 -0.95 3.03 -9.24
CA LEU A 24 -1.20 4.46 -9.08
C LEU A 24 -1.26 4.84 -7.61
N ARG A 25 -0.69 6.00 -7.27
CA ARG A 25 -0.68 6.48 -5.89
C ARG A 25 -2.09 6.83 -5.43
N LYS A 26 -2.76 7.71 -6.17
CA LYS A 26 -4.11 8.14 -5.85
C LYS A 26 -5.03 6.93 -5.68
N HIS A 27 -4.68 5.83 -6.32
CA HIS A 27 -5.47 4.60 -6.25
C HIS A 27 -5.43 4.02 -4.84
N LEU A 28 -4.25 4.03 -4.23
CA LEU A 28 -4.07 3.51 -2.89
C LEU A 28 -4.79 4.38 -1.86
N ILE A 29 -4.75 5.68 -2.08
CA ILE A 29 -5.40 6.63 -1.17
C ILE A 29 -6.84 6.23 -0.91
N GLN A 30 -7.59 5.99 -1.98
CA GLN A 30 -8.99 5.60 -1.87
C GLN A 30 -9.11 4.19 -1.31
N HIS A 31 -8.16 3.33 -1.63
CA HIS A 31 -8.15 1.96 -1.16
C HIS A 31 -8.16 1.91 0.36
N GLN A 32 -7.41 2.80 0.99
CA GLN A 32 -7.32 2.85 2.45
C GLN A 32 -8.72 2.86 3.07
N LYS A 33 -9.57 3.77 2.58
CA LYS A 33 -10.93 3.89 3.08
C LYS A 33 -11.48 2.51 3.47
N THR A 34 -11.31 1.54 2.59
CA THR A 34 -11.78 0.18 2.85
C THR A 34 -11.37 -0.29 4.23
N HIS A 35 -10.09 -0.11 4.57
CA HIS A 35 -9.56 -0.51 5.86
C HIS A 35 -10.14 0.35 6.98
N ALA A 36 -10.34 1.63 6.69
CA ALA A 36 -10.88 2.55 7.68
C ALA A 36 -12.29 2.98 7.29
N ALA A 37 -13.27 2.17 7.66
CA ALA A 37 -14.67 2.46 7.36
C ALA A 37 -15.21 3.55 8.28
N LYS A 38 -14.99 4.80 7.91
CA LYS A 38 -15.45 5.93 8.71
C LYS A 38 -16.83 6.39 8.24
N SER A 39 -17.44 7.30 9.00
CA SER A 39 -18.75 7.82 8.67
C SER A 39 -18.84 9.32 8.96
N GLY A 40 -19.47 10.06 8.06
CA GLY A 40 -19.61 11.49 8.23
C GLY A 40 -20.96 12.01 7.78
N PRO A 41 -21.04 13.32 7.49
CA PRO A 41 -22.28 13.96 7.05
C PRO A 41 -22.67 13.53 5.63
N SER A 42 -23.87 12.96 5.51
CA SER A 42 -24.36 12.49 4.22
C SER A 42 -24.38 13.65 3.21
N SER A 43 -23.36 13.70 2.37
CA SER A 43 -23.26 14.75 1.36
C SER A 43 -23.48 14.18 -0.04
N GLY A 44 -22.68 13.18 -0.39
CA GLY A 44 -22.80 12.56 -1.70
C GLY A 44 -21.95 11.31 -1.83
N GLY A 1 26.89 -20.83 -4.13
CA GLY A 1 26.03 -21.85 -4.72
C GLY A 1 24.66 -21.34 -5.05
N SER A 2 23.78 -21.33 -4.05
CA SER A 2 22.41 -20.85 -4.24
C SER A 2 22.39 -19.48 -4.91
N SER A 3 21.66 -19.38 -6.02
CA SER A 3 21.57 -18.13 -6.76
C SER A 3 20.13 -17.85 -7.18
N GLY A 4 19.88 -16.63 -7.65
CA GLY A 4 18.55 -16.26 -8.08
C GLY A 4 18.16 -14.86 -7.64
N SER A 5 18.52 -13.87 -8.46
CA SER A 5 18.23 -12.48 -8.15
C SER A 5 17.41 -11.84 -9.27
N SER A 6 16.21 -11.38 -8.92
CA SER A 6 15.33 -10.75 -9.91
C SER A 6 14.86 -9.38 -9.41
N GLY A 7 14.41 -8.54 -10.34
CA GLY A 7 13.93 -7.22 -9.98
C GLY A 7 14.29 -6.18 -11.01
N HIS A 8 13.28 -5.64 -11.69
CA HIS A 8 13.48 -4.62 -12.71
C HIS A 8 12.80 -3.32 -12.32
N THR A 9 11.55 -3.42 -11.88
CA THR A 9 10.78 -2.24 -11.49
C THR A 9 11.59 -1.34 -10.55
N ARG A 10 11.15 -0.10 -10.41
CA ARG A 10 11.83 0.85 -9.55
C ARG A 10 11.19 0.90 -8.16
N LYS A 11 9.91 1.25 -8.12
CA LYS A 11 9.17 1.34 -6.87
C LYS A 11 7.67 1.41 -7.12
N ARG A 12 6.89 1.07 -6.10
CA ARG A 12 5.43 1.09 -6.22
C ARG A 12 4.78 1.43 -4.88
N TYR A 13 3.50 1.72 -4.90
CA TYR A 13 2.76 2.06 -3.69
C TYR A 13 2.34 0.81 -2.94
N GLU A 14 2.74 0.71 -1.67
CA GLU A 14 2.39 -0.44 -0.84
C GLU A 14 1.45 -0.04 0.28
N CYS A 15 0.41 -0.83 0.49
CA CYS A 15 -0.57 -0.56 1.55
C CYS A 15 -0.02 -0.97 2.91
N SER A 16 -0.35 -0.18 3.92
CA SER A 16 0.10 -0.46 5.29
C SER A 16 -1.00 -1.08 6.11
N LYS A 17 -1.84 -1.89 5.46
CA LYS A 17 -2.94 -2.56 6.15
C LYS A 17 -2.99 -4.03 5.78
N CYS A 18 -2.67 -4.34 4.53
CA CYS A 18 -2.69 -5.72 4.05
C CYS A 18 -1.41 -6.03 3.27
N GLN A 19 -0.50 -5.06 3.21
CA GLN A 19 0.75 -5.24 2.50
C GLN A 19 0.52 -5.46 1.00
N ALA A 20 -0.49 -4.76 0.47
CA ALA A 20 -0.81 -4.88 -0.95
C ALA A 20 0.02 -3.93 -1.79
N THR A 21 0.04 -4.16 -3.10
CA THR A 21 0.80 -3.32 -4.02
C THR A 21 -0.11 -2.57 -4.98
N PHE A 22 0.36 -1.43 -5.48
CA PHE A 22 -0.42 -0.62 -6.41
C PHE A 22 0.48 0.09 -7.40
N ASN A 23 -0.10 0.59 -8.48
CA ASN A 23 0.65 1.29 -9.51
C ASN A 23 0.51 2.80 -9.35
N LEU A 24 -0.72 3.25 -9.10
CA LEU A 24 -0.99 4.67 -8.93
C LEU A 24 -1.20 5.01 -7.46
N ARG A 25 -0.82 6.22 -7.07
CA ARG A 25 -0.98 6.67 -5.69
C ARG A 25 -2.46 6.79 -5.32
N LYS A 26 -3.21 7.49 -6.17
CA LYS A 26 -4.64 7.68 -5.94
C LYS A 26 -5.31 6.37 -5.52
N HIS A 27 -5.01 5.30 -6.26
CA HIS A 27 -5.57 3.98 -5.97
C HIS A 27 -5.37 3.62 -4.49
N LEU A 28 -4.16 3.84 -4.00
CA LEU A 28 -3.83 3.53 -2.61
C LEU A 28 -4.63 4.42 -1.65
N ILE A 29 -4.46 5.72 -1.80
CA ILE A 29 -5.14 6.68 -0.95
C ILE A 29 -6.56 6.21 -0.64
N GLN A 30 -7.23 5.64 -1.63
CA GLN A 30 -8.58 5.13 -1.46
C GLN A 30 -8.58 3.77 -0.77
N HIS A 31 -7.79 2.85 -1.30
CA HIS A 31 -7.70 1.51 -0.74
C HIS A 31 -7.56 1.56 0.78
N GLN A 32 -7.10 2.71 1.29
CA GLN A 32 -6.93 2.89 2.72
C GLN A 32 -8.27 3.10 3.42
N LYS A 33 -9.05 4.05 2.90
CA LYS A 33 -10.36 4.35 3.47
C LYS A 33 -11.29 3.15 3.36
N THR A 34 -11.10 2.35 2.31
CA THR A 34 -11.92 1.17 2.10
C THR A 34 -11.73 0.16 3.22
N HIS A 35 -10.56 0.19 3.85
CA HIS A 35 -10.26 -0.72 4.95
C HIS A 35 -11.11 -0.40 6.18
N ALA A 36 -11.37 0.89 6.39
CA ALA A 36 -12.16 1.32 7.53
C ALA A 36 -13.64 1.06 7.30
N ALA A 37 -14.44 1.23 8.36
CA ALA A 37 -15.88 1.00 8.28
C ALA A 37 -16.18 -0.42 7.84
N LYS A 38 -15.45 -1.38 8.42
CA LYS A 38 -15.66 -2.79 8.10
C LYS A 38 -15.38 -3.67 9.32
N SER A 39 -16.35 -4.52 9.66
CA SER A 39 -16.20 -5.41 10.81
C SER A 39 -15.73 -6.79 10.36
N GLY A 40 -14.50 -7.13 10.73
CA GLY A 40 -13.95 -8.43 10.36
C GLY A 40 -14.98 -9.53 10.40
N PRO A 41 -15.35 -9.96 11.62
CA PRO A 41 -16.34 -11.02 11.83
C PRO A 41 -17.74 -10.59 11.46
N SER A 42 -18.25 -11.14 10.36
CA SER A 42 -19.60 -10.80 9.89
C SER A 42 -20.65 -11.17 10.93
N SER A 43 -21.80 -10.51 10.87
CA SER A 43 -22.88 -10.76 11.81
C SER A 43 -24.22 -10.86 11.08
N GLY A 44 -25.13 -11.65 11.64
CA GLY A 44 -26.44 -11.81 11.03
C GLY A 44 -26.43 -12.81 9.89
N GLY A 1 33.76 10.78 -9.69
CA GLY A 1 34.13 9.92 -8.59
C GLY A 1 33.28 8.66 -8.52
N SER A 2 32.80 8.34 -7.32
CA SER A 2 31.97 7.16 -7.13
C SER A 2 30.51 7.55 -6.92
N SER A 3 29.61 6.78 -7.54
CA SER A 3 28.18 7.05 -7.43
C SER A 3 27.46 5.88 -6.78
N GLY A 4 26.37 6.17 -6.07
CA GLY A 4 25.61 5.13 -5.41
C GLY A 4 24.15 5.13 -5.83
N SER A 5 23.80 4.24 -6.76
CA SER A 5 22.44 4.13 -7.24
C SER A 5 21.51 3.59 -6.16
N SER A 6 20.97 4.48 -5.35
CA SER A 6 20.07 4.09 -4.27
C SER A 6 18.71 4.77 -4.42
N GLY A 7 17.94 4.31 -5.40
CA GLY A 7 16.63 4.88 -5.65
C GLY A 7 16.12 4.61 -7.05
N HIS A 8 15.51 3.46 -7.24
CA HIS A 8 14.98 3.09 -8.55
C HIS A 8 14.15 4.23 -9.15
N THR A 9 13.74 4.05 -10.40
CA THR A 9 12.95 5.07 -11.08
C THR A 9 11.68 5.40 -10.30
N ARG A 10 10.87 4.39 -10.03
CA ARG A 10 9.63 4.58 -9.28
C ARG A 10 9.38 3.42 -8.33
N LYS A 11 9.31 3.72 -7.04
CA LYS A 11 9.07 2.70 -6.02
C LYS A 11 7.58 2.39 -5.90
N ARG A 12 7.20 1.17 -6.26
CA ARG A 12 5.80 0.75 -6.18
C ARG A 12 5.23 1.01 -4.80
N TYR A 13 4.05 1.61 -4.75
CA TYR A 13 3.39 1.91 -3.48
C TYR A 13 2.89 0.64 -2.81
N GLU A 14 3.03 0.58 -1.49
CA GLU A 14 2.58 -0.58 -0.73
C GLU A 14 1.67 -0.16 0.42
N CYS A 15 0.73 -1.04 0.77
CA CYS A 15 -0.21 -0.76 1.85
C CYS A 15 0.34 -1.24 3.19
N SER A 16 0.28 -0.38 4.20
CA SER A 16 0.77 -0.71 5.53
C SER A 16 -0.36 -1.26 6.40
N LYS A 17 -1.34 -1.88 5.77
CA LYS A 17 -2.48 -2.45 6.48
C LYS A 17 -2.80 -3.86 5.98
N CYS A 18 -2.76 -4.02 4.66
CA CYS A 18 -3.05 -5.31 4.05
C CYS A 18 -1.87 -5.79 3.22
N GLN A 19 -0.82 -4.97 3.16
CA GLN A 19 0.38 -5.32 2.40
C GLN A 19 0.04 -5.57 0.95
N ALA A 20 -0.62 -4.60 0.31
CA ALA A 20 -0.99 -4.72 -1.09
C ALA A 20 -0.13 -3.81 -1.97
N THR A 21 -0.17 -4.04 -3.28
CA THR A 21 0.60 -3.24 -4.22
C THR A 21 -0.32 -2.49 -5.18
N PHE A 22 0.05 -1.25 -5.51
CA PHE A 22 -0.74 -0.43 -6.41
C PHE A 22 0.16 0.24 -7.44
N ASN A 23 -0.37 0.43 -8.65
CA ASN A 23 0.38 1.07 -9.73
C ASN A 23 0.44 2.57 -9.53
N LEU A 24 -0.70 3.16 -9.19
CA LEU A 24 -0.77 4.61 -8.97
C LEU A 24 -0.90 4.93 -7.49
N ARG A 25 -0.66 6.18 -7.13
CA ARG A 25 -0.74 6.62 -5.74
C ARG A 25 -2.20 6.82 -5.33
N LYS A 26 -2.89 7.72 -6.02
CA LYS A 26 -4.29 8.01 -5.72
C LYS A 26 -5.05 6.72 -5.42
N HIS A 27 -4.78 5.67 -6.18
CA HIS A 27 -5.44 4.39 -5.98
C HIS A 27 -5.34 3.94 -4.53
N LEU A 28 -4.12 3.98 -4.00
CA LEU A 28 -3.88 3.57 -2.61
C LEU A 28 -4.78 4.36 -1.66
N ILE A 29 -4.61 5.68 -1.66
CA ILE A 29 -5.41 6.54 -0.79
C ILE A 29 -6.87 6.14 -0.80
N GLN A 30 -7.41 5.91 -1.99
CA GLN A 30 -8.81 5.51 -2.14
C GLN A 30 -9.05 4.14 -1.53
N HIS A 31 -8.07 3.24 -1.69
CA HIS A 31 -8.17 1.90 -1.16
C HIS A 31 -8.21 1.91 0.37
N GLN A 32 -7.38 2.77 0.96
CA GLN A 32 -7.32 2.88 2.42
C GLN A 32 -8.72 2.97 3.02
N LYS A 33 -9.64 3.57 2.27
CA LYS A 33 -11.01 3.73 2.73
C LYS A 33 -11.60 2.39 3.14
N THR A 34 -11.34 1.36 2.35
CA THR A 34 -11.84 0.03 2.63
C THR A 34 -11.44 -0.44 4.02
N HIS A 35 -10.31 0.09 4.51
CA HIS A 35 -9.80 -0.27 5.82
C HIS A 35 -10.52 0.54 6.92
N ALA A 36 -11.55 1.27 6.52
CA ALA A 36 -12.31 2.08 7.46
C ALA A 36 -11.40 2.73 8.50
N ALA A 37 -10.27 3.24 8.05
CA ALA A 37 -9.31 3.89 8.94
C ALA A 37 -9.63 5.36 9.12
N LYS A 38 -10.58 5.66 10.00
CA LYS A 38 -10.99 7.03 10.26
C LYS A 38 -10.16 7.63 11.40
N SER A 39 -9.00 8.20 11.05
CA SER A 39 -8.12 8.80 12.04
C SER A 39 -8.06 10.31 11.86
N GLY A 40 -7.95 10.76 10.62
CA GLY A 40 -7.89 12.18 10.33
C GLY A 40 -8.57 12.54 9.04
N PRO A 41 -9.91 12.71 9.08
CA PRO A 41 -10.71 13.05 7.91
C PRO A 41 -10.45 14.49 7.44
N SER A 42 -10.66 14.73 6.15
CA SER A 42 -10.44 16.04 5.57
C SER A 42 -11.60 16.42 4.64
N SER A 43 -11.51 17.62 4.07
CA SER A 43 -12.55 18.11 3.17
C SER A 43 -13.89 18.20 3.88
N GLY A 44 -13.89 18.85 5.03
CA GLY A 44 -15.12 19.00 5.80
C GLY A 44 -15.98 20.15 5.31
N GLY A 1 28.71 -0.16 2.53
CA GLY A 1 27.37 -0.12 2.00
C GLY A 1 27.33 -0.39 0.50
N SER A 2 26.12 -0.51 -0.05
CA SER A 2 25.95 -0.76 -1.47
C SER A 2 24.54 -0.39 -1.93
N SER A 3 24.42 -0.03 -3.20
CA SER A 3 23.12 0.35 -3.75
C SER A 3 22.81 -0.47 -5.00
N GLY A 4 23.79 -0.57 -5.91
CA GLY A 4 23.59 -1.32 -7.13
C GLY A 4 22.86 -0.53 -8.19
N SER A 5 21.81 0.17 -7.77
CA SER A 5 21.01 0.98 -8.70
C SER A 5 21.17 2.46 -8.41
N SER A 6 21.57 3.22 -9.44
CA SER A 6 21.77 4.66 -9.29
C SER A 6 20.48 5.42 -9.61
N GLY A 7 19.89 5.11 -10.75
CA GLY A 7 18.65 5.77 -11.15
C GLY A 7 17.57 5.66 -10.09
N HIS A 8 17.24 4.44 -9.71
CA HIS A 8 16.21 4.20 -8.70
C HIS A 8 15.01 5.12 -8.92
N THR A 9 14.60 5.24 -10.18
CA THR A 9 13.46 6.09 -10.53
C THR A 9 12.14 5.34 -10.36
N ARG A 10 12.20 4.02 -10.46
CA ARG A 10 11.01 3.18 -10.32
C ARG A 10 10.62 3.05 -8.85
N LYS A 11 9.32 2.95 -8.59
CA LYS A 11 8.82 2.81 -7.23
C LYS A 11 7.33 2.47 -7.23
N ARG A 12 6.89 1.74 -6.20
CA ARG A 12 5.49 1.35 -6.09
C ARG A 12 4.97 1.59 -4.67
N TYR A 13 3.70 1.95 -4.57
CA TYR A 13 3.08 2.21 -3.28
C TYR A 13 2.57 0.92 -2.64
N GLU A 14 2.93 0.71 -1.38
CA GLU A 14 2.51 -0.49 -0.66
C GLU A 14 1.60 -0.13 0.50
N CYS A 15 0.67 -1.03 0.82
CA CYS A 15 -0.26 -0.82 1.92
C CYS A 15 0.40 -1.08 3.26
N SER A 16 -0.27 -0.69 4.34
CA SER A 16 0.26 -0.90 5.68
C SER A 16 -0.45 -2.05 6.37
N LYS A 17 -1.76 -2.17 6.15
CA LYS A 17 -2.55 -3.23 6.75
C LYS A 17 -2.40 -4.53 5.96
N CYS A 18 -2.93 -4.54 4.75
CA CYS A 18 -2.85 -5.72 3.88
C CYS A 18 -1.47 -5.84 3.24
N GLN A 19 -0.73 -4.73 3.23
CA GLN A 19 0.60 -4.71 2.65
C GLN A 19 0.56 -5.12 1.19
N ALA A 20 -0.43 -4.61 0.46
CA ALA A 20 -0.58 -4.92 -0.96
C ALA A 20 0.21 -3.95 -1.82
N THR A 21 0.07 -4.08 -3.14
CA THR A 21 0.77 -3.21 -4.07
C THR A 21 -0.20 -2.55 -5.04
N PHE A 22 0.20 -1.40 -5.58
CA PHE A 22 -0.63 -0.66 -6.52
C PHE A 22 0.23 0.03 -7.58
N ASN A 23 -0.40 0.43 -8.67
CA ASN A 23 0.30 1.11 -9.76
C ASN A 23 0.21 2.62 -9.61
N LEU A 24 -0.99 3.11 -9.32
CA LEU A 24 -1.21 4.55 -9.14
C LEU A 24 -1.34 4.90 -7.66
N ARG A 25 -0.93 6.12 -7.32
CA ARG A 25 -0.99 6.58 -5.94
C ARG A 25 -2.44 6.85 -5.52
N LYS A 26 -3.13 7.68 -6.29
CA LYS A 26 -4.51 8.02 -6.00
C LYS A 26 -5.32 6.78 -5.65
N HIS A 27 -4.91 5.64 -6.21
CA HIS A 27 -5.59 4.38 -5.95
C HIS A 27 -5.43 3.95 -4.50
N LEU A 28 -4.20 4.02 -4.00
CA LEU A 28 -3.90 3.66 -2.62
C LEU A 28 -4.77 4.44 -1.65
N ILE A 29 -4.68 5.76 -1.70
CA ILE A 29 -5.46 6.62 -0.82
C ILE A 29 -6.87 6.08 -0.64
N GLN A 30 -7.52 5.74 -1.75
CA GLN A 30 -8.88 5.21 -1.71
C GLN A 30 -8.90 3.83 -1.06
N HIS A 31 -7.97 2.97 -1.48
CA HIS A 31 -7.88 1.63 -0.96
C HIS A 31 -7.67 1.64 0.56
N GLN A 32 -7.07 2.73 1.05
CA GLN A 32 -6.80 2.86 2.48
C GLN A 32 -8.09 3.12 3.25
N LYS A 33 -8.91 4.04 2.73
CA LYS A 33 -10.17 4.38 3.37
C LYS A 33 -11.17 3.23 3.27
N THR A 34 -11.04 2.43 2.21
CA THR A 34 -11.93 1.30 2.00
C THR A 34 -11.71 0.23 3.06
N HIS A 35 -10.56 0.28 3.73
CA HIS A 35 -10.23 -0.68 4.77
C HIS A 35 -11.10 -0.46 6.01
N ALA A 36 -11.38 0.81 6.30
CA ALA A 36 -12.20 1.17 7.45
C ALA A 36 -13.66 1.35 7.05
N ALA A 37 -14.50 0.41 7.48
CA ALA A 37 -15.93 0.47 7.18
C ALA A 37 -16.57 1.72 7.75
N LYS A 38 -16.77 2.72 6.89
CA LYS A 38 -17.38 3.98 7.32
C LYS A 38 -16.61 4.59 8.48
N SER A 39 -15.28 4.53 8.40
CA SER A 39 -14.43 5.08 9.45
C SER A 39 -14.77 4.46 10.80
N GLY A 40 -15.00 3.15 10.81
CA GLY A 40 -15.33 2.46 12.04
C GLY A 40 -15.48 0.97 11.85
N PRO A 41 -15.12 0.20 12.88
CA PRO A 41 -15.21 -1.27 12.85
C PRO A 41 -16.65 -1.77 12.85
N SER A 42 -16.83 -3.06 12.59
CA SER A 42 -18.16 -3.65 12.57
C SER A 42 -18.55 -4.19 13.94
N SER A 43 -17.62 -4.88 14.58
CA SER A 43 -17.86 -5.46 15.90
C SER A 43 -18.54 -4.44 16.81
N GLY A 44 -17.87 -3.31 17.03
CA GLY A 44 -18.43 -2.27 17.89
C GLY A 44 -18.34 -0.90 17.26
N GLY A 1 34.74 -5.51 -3.62
CA GLY A 1 33.77 -4.46 -3.88
C GLY A 1 32.95 -4.10 -2.66
N SER A 2 32.63 -2.82 -2.52
CA SER A 2 31.85 -2.35 -1.37
C SER A 2 30.53 -1.73 -1.84
N SER A 3 29.90 -2.37 -2.81
CA SER A 3 28.63 -1.89 -3.34
C SER A 3 27.87 -3.00 -4.05
N GLY A 4 26.67 -2.69 -4.53
CA GLY A 4 25.87 -3.68 -5.23
C GLY A 4 25.32 -3.15 -6.54
N SER A 5 26.20 -3.06 -7.55
CA SER A 5 25.79 -2.56 -8.86
C SER A 5 24.78 -3.51 -9.51
N SER A 6 23.51 -3.13 -9.46
CA SER A 6 22.45 -3.93 -10.04
C SER A 6 21.80 -3.21 -11.22
N GLY A 7 21.50 -1.94 -11.05
CA GLY A 7 20.89 -1.16 -12.10
C GLY A 7 19.75 -0.29 -11.61
N HIS A 8 18.78 -0.03 -12.48
CA HIS A 8 17.62 0.78 -12.12
C HIS A 8 16.39 -0.08 -11.88
N THR A 9 15.81 0.03 -10.69
CA THR A 9 14.63 -0.75 -10.33
C THR A 9 13.55 0.15 -9.74
N ARG A 10 12.41 0.24 -10.42
CA ARG A 10 11.30 1.07 -9.96
C ARG A 10 10.53 0.35 -8.85
N LYS A 11 9.77 1.13 -8.08
CA LYS A 11 8.99 0.57 -6.98
C LYS A 11 7.50 0.86 -7.18
N ARG A 12 6.67 0.30 -6.31
CA ARG A 12 5.23 0.50 -6.38
C ARG A 12 4.64 0.75 -5.00
N TYR A 13 3.66 1.65 -4.95
CA TYR A 13 3.02 1.98 -3.68
C TYR A 13 2.53 0.73 -2.95
N GLU A 14 2.71 0.69 -1.64
CA GLU A 14 2.30 -0.45 -0.84
C GLU A 14 1.46 0.01 0.36
N CYS A 15 0.65 -0.90 0.87
CA CYS A 15 -0.20 -0.60 2.03
C CYS A 15 0.32 -1.28 3.28
N SER A 16 0.56 -0.50 4.32
CA SER A 16 1.06 -1.03 5.59
C SER A 16 -0.08 -1.54 6.45
N LYS A 17 -1.14 -2.02 5.82
CA LYS A 17 -2.31 -2.53 6.53
C LYS A 17 -2.60 -3.97 6.11
N CYS A 18 -2.64 -4.21 4.81
CA CYS A 18 -2.90 -5.54 4.28
C CYS A 18 -1.79 -6.00 3.33
N GLN A 19 -0.76 -5.16 3.20
CA GLN A 19 0.37 -5.48 2.33
C GLN A 19 -0.09 -5.60 0.88
N ALA A 20 -0.76 -4.57 0.38
CA ALA A 20 -1.25 -4.56 -0.99
C ALA A 20 -0.48 -3.54 -1.83
N THR A 21 -0.08 -3.97 -3.03
CA THR A 21 0.67 -3.10 -3.94
C THR A 21 -0.25 -2.49 -4.99
N PHE A 22 -0.01 -1.22 -5.31
CA PHE A 22 -0.82 -0.52 -6.30
C PHE A 22 0.07 0.06 -7.40
N ASN A 23 -0.56 0.51 -8.48
CA ASN A 23 0.16 1.09 -9.60
C ASN A 23 0.19 2.61 -9.51
N LEU A 24 -0.97 3.21 -9.30
CA LEU A 24 -1.09 4.66 -9.18
C LEU A 24 -1.01 5.10 -7.73
N ARG A 25 -0.83 6.40 -7.52
CA ARG A 25 -0.74 6.95 -6.17
C ARG A 25 -2.12 7.05 -5.53
N LYS A 26 -3.03 7.74 -6.21
CA LYS A 26 -4.39 7.90 -5.71
C LYS A 26 -5.01 6.56 -5.35
N HIS A 27 -4.62 5.52 -6.08
CA HIS A 27 -5.14 4.18 -5.84
C HIS A 27 -4.93 3.77 -4.38
N LEU A 28 -3.75 4.08 -3.85
CA LEU A 28 -3.43 3.75 -2.47
C LEU A 28 -4.36 4.47 -1.49
N ILE A 29 -4.35 5.80 -1.55
CA ILE A 29 -5.20 6.61 -0.68
C ILE A 29 -6.66 6.16 -0.77
N GLN A 30 -7.11 5.86 -1.98
CA GLN A 30 -8.48 5.42 -2.20
C GLN A 30 -8.73 4.07 -1.52
N HIS A 31 -7.77 3.16 -1.65
CA HIS A 31 -7.89 1.84 -1.05
C HIS A 31 -8.14 1.95 0.45
N GLN A 32 -7.35 2.78 1.12
CA GLN A 32 -7.48 2.97 2.57
C GLN A 32 -8.95 2.97 2.98
N LYS A 33 -9.78 3.69 2.23
CA LYS A 33 -11.20 3.77 2.52
C LYS A 33 -11.76 2.40 2.89
N THR A 34 -11.40 1.38 2.10
CA THR A 34 -11.87 0.02 2.34
C THR A 34 -11.56 -0.41 3.77
N HIS A 35 -10.41 0.02 4.27
CA HIS A 35 -9.99 -0.33 5.63
C HIS A 35 -10.81 0.44 6.67
N ALA A 36 -11.16 1.68 6.33
CA ALA A 36 -11.94 2.52 7.23
C ALA A 36 -13.06 1.71 7.91
N ALA A 37 -13.69 0.84 7.13
CA ALA A 37 -14.78 0.01 7.64
C ALA A 37 -14.24 -1.14 8.48
N LYS A 38 -13.29 -1.87 7.91
CA LYS A 38 -12.69 -3.02 8.60
C LYS A 38 -13.74 -3.79 9.38
N SER A 39 -14.90 -4.01 8.77
CA SER A 39 -15.98 -4.73 9.41
C SER A 39 -15.70 -6.23 9.42
N GLY A 40 -15.53 -6.80 8.24
CA GLY A 40 -15.26 -8.23 8.13
C GLY A 40 -16.18 -8.93 7.15
N PRO A 41 -16.31 -10.26 7.29
CA PRO A 41 -17.17 -11.06 6.42
C PRO A 41 -18.65 -10.79 6.65
N SER A 42 -19.26 -10.07 5.71
CA SER A 42 -20.69 -9.74 5.81
C SER A 42 -21.49 -10.95 6.28
N SER A 43 -22.13 -10.82 7.44
CA SER A 43 -22.93 -11.90 7.99
C SER A 43 -24.00 -11.35 8.93
N GLY A 44 -25.26 -11.61 8.58
CA GLY A 44 -26.36 -11.14 9.39
C GLY A 44 -27.02 -9.90 8.82
N GLY A 1 22.02 -9.68 -8.64
CA GLY A 1 23.47 -9.67 -8.72
C GLY A 1 24.07 -8.42 -8.12
N SER A 2 25.29 -8.53 -7.61
CA SER A 2 25.97 -7.40 -7.00
C SER A 2 26.38 -6.38 -8.05
N SER A 3 25.85 -5.16 -7.93
CA SER A 3 26.14 -4.10 -8.87
C SER A 3 26.07 -2.73 -8.19
N GLY A 4 26.68 -1.73 -8.83
CA GLY A 4 26.68 -0.39 -8.27
C GLY A 4 25.43 0.39 -8.64
N SER A 5 24.27 -0.27 -8.55
CA SER A 5 23.01 0.36 -8.89
C SER A 5 22.01 0.23 -7.74
N SER A 6 21.49 1.35 -7.28
CA SER A 6 20.53 1.37 -6.17
C SER A 6 19.11 1.54 -6.70
N GLY A 7 18.27 0.53 -6.48
CA GLY A 7 16.89 0.60 -6.94
C GLY A 7 16.72 0.13 -8.37
N HIS A 8 17.41 -0.97 -8.70
CA HIS A 8 17.33 -1.53 -10.05
C HIS A 8 15.88 -1.86 -10.42
N THR A 9 15.19 -2.54 -9.53
CA THR A 9 13.80 -2.92 -9.76
C THR A 9 12.86 -1.74 -9.51
N ARG A 10 12.00 -1.46 -10.50
CA ARG A 10 11.06 -0.37 -10.38
C ARG A 10 10.41 -0.35 -9.00
N LYS A 11 9.93 0.82 -8.59
CA LYS A 11 9.28 0.97 -7.30
C LYS A 11 7.81 1.36 -7.47
N ARG A 12 6.99 0.99 -6.48
CA ARG A 12 5.57 1.29 -6.52
C ARG A 12 5.05 1.60 -5.12
N TYR A 13 3.75 1.94 -5.03
CA TYR A 13 3.13 2.26 -3.76
C TYR A 13 2.55 1.01 -3.11
N GLU A 14 2.69 0.90 -1.80
CA GLU A 14 2.17 -0.24 -1.06
C GLU A 14 1.27 0.21 0.09
N CYS A 15 0.45 -0.71 0.59
CA CYS A 15 -0.47 -0.40 1.68
C CYS A 15 0.17 -0.71 3.03
N SER A 16 -0.46 -0.24 4.09
CA SER A 16 0.06 -0.46 5.45
C SER A 16 -0.80 -1.49 6.19
N LYS A 17 -1.99 -1.75 5.66
CA LYS A 17 -2.90 -2.71 6.27
C LYS A 17 -2.77 -4.08 5.61
N CYS A 18 -3.14 -4.16 4.34
CA CYS A 18 -3.07 -5.41 3.60
C CYS A 18 -1.70 -5.56 2.94
N GLN A 19 -0.84 -4.57 3.12
CA GLN A 19 0.50 -4.60 2.56
C GLN A 19 0.45 -5.02 1.08
N ALA A 20 -0.56 -4.54 0.37
CA ALA A 20 -0.72 -4.86 -1.04
C ALA A 20 -0.03 -3.83 -1.92
N THR A 21 0.35 -4.24 -3.12
CA THR A 21 1.02 -3.35 -4.06
C THR A 21 0.03 -2.76 -5.07
N PHE A 22 0.17 -1.48 -5.34
CA PHE A 22 -0.72 -0.79 -6.29
C PHE A 22 0.08 -0.20 -7.45
N ASN A 23 -0.62 0.19 -8.50
CA ASN A 23 0.02 0.77 -9.68
C ASN A 23 0.18 2.28 -9.52
N LEU A 24 -0.90 2.96 -9.19
CA LEU A 24 -0.88 4.41 -9.01
C LEU A 24 -0.89 4.77 -7.52
N ARG A 25 -0.69 6.05 -7.22
CA ARG A 25 -0.68 6.52 -5.85
C ARG A 25 -2.09 6.72 -5.33
N LYS A 26 -2.82 7.63 -5.97
CA LYS A 26 -4.20 7.92 -5.58
C LYS A 26 -4.97 6.63 -5.31
N HIS A 27 -4.53 5.54 -5.94
CA HIS A 27 -5.18 4.25 -5.77
C HIS A 27 -5.05 3.76 -4.33
N LEU A 28 -3.87 3.94 -3.75
CA LEU A 28 -3.60 3.51 -2.39
C LEU A 28 -4.47 4.30 -1.39
N ILE A 29 -4.31 5.62 -1.41
CA ILE A 29 -5.09 6.48 -0.51
C ILE A 29 -6.57 6.13 -0.55
N GLN A 30 -7.12 6.10 -1.76
CA GLN A 30 -8.54 5.78 -1.94
C GLN A 30 -8.85 4.38 -1.41
N HIS A 31 -7.92 3.46 -1.61
CA HIS A 31 -8.09 2.08 -1.15
C HIS A 31 -8.16 2.02 0.37
N GLN A 32 -7.21 2.68 1.03
CA GLN A 32 -7.17 2.70 2.49
C GLN A 32 -8.57 2.75 3.08
N LYS A 33 -9.44 3.53 2.45
CA LYS A 33 -10.82 3.67 2.91
C LYS A 33 -11.41 2.31 3.25
N THR A 34 -11.28 1.35 2.33
CA THR A 34 -11.80 0.01 2.54
C THR A 34 -11.50 -0.49 3.94
N HIS A 35 -10.33 -0.13 4.46
CA HIS A 35 -9.93 -0.54 5.80
C HIS A 35 -10.63 0.30 6.86
N ALA A 36 -10.90 1.56 6.52
CA ALA A 36 -11.56 2.47 7.45
C ALA A 36 -12.85 1.86 7.99
N ALA A 37 -12.96 1.82 9.32
CA ALA A 37 -14.14 1.26 9.96
C ALA A 37 -15.41 1.56 9.16
N LYS A 38 -16.14 0.51 8.81
CA LYS A 38 -17.36 0.66 8.04
C LYS A 38 -18.59 0.31 8.89
N SER A 39 -18.48 -0.77 9.65
CA SER A 39 -19.58 -1.20 10.51
C SER A 39 -19.33 -0.80 11.96
N GLY A 40 -20.29 -1.11 12.83
CA GLY A 40 -20.16 -0.76 14.23
C GLY A 40 -18.97 -1.44 14.88
N PRO A 41 -19.05 -2.77 15.04
CA PRO A 41 -17.97 -3.57 15.66
C PRO A 41 -16.75 -3.65 14.76
N SER A 42 -16.82 -3.04 13.59
CA SER A 42 -15.71 -3.05 12.64
C SER A 42 -15.06 -4.43 12.60
N SER A 43 -15.88 -5.48 12.62
CA SER A 43 -15.38 -6.85 12.58
C SER A 43 -14.30 -7.00 11.51
N GLY A 44 -13.12 -7.44 11.93
CA GLY A 44 -12.02 -7.62 11.00
C GLY A 44 -10.70 -7.14 11.55
N GLY A 1 21.28 -15.73 6.61
CA GLY A 1 20.66 -15.80 5.30
C GLY A 1 21.17 -14.74 4.36
N SER A 2 20.81 -13.48 4.65
CA SER A 2 21.23 -12.37 3.81
C SER A 2 21.17 -12.73 2.34
N SER A 3 20.12 -13.43 1.95
CA SER A 3 19.94 -13.86 0.57
C SER A 3 19.10 -12.86 -0.21
N GLY A 4 19.43 -12.66 -1.48
CA GLY A 4 18.68 -11.72 -2.30
C GLY A 4 19.28 -11.58 -3.69
N SER A 5 19.06 -12.57 -4.54
CA SER A 5 19.59 -12.56 -5.90
C SER A 5 18.57 -11.95 -6.87
N SER A 6 18.55 -10.63 -6.93
CA SER A 6 17.62 -9.92 -7.81
C SER A 6 18.37 -8.95 -8.72
N GLY A 7 17.66 -8.38 -9.69
CA GLY A 7 18.27 -7.44 -10.61
C GLY A 7 17.34 -6.30 -10.98
N HIS A 8 16.28 -6.63 -11.71
CA HIS A 8 15.31 -5.62 -12.13
C HIS A 8 14.77 -4.84 -10.93
N THR A 9 15.02 -3.53 -10.92
CA THR A 9 14.57 -2.69 -9.82
C THR A 9 13.10 -2.29 -10.00
N ARG A 10 12.38 -2.18 -8.89
CA ARG A 10 10.98 -1.82 -8.93
C ARG A 10 10.58 -1.04 -7.68
N LYS A 11 9.70 -0.06 -7.85
CA LYS A 11 9.24 0.76 -6.74
C LYS A 11 7.79 1.19 -6.94
N ARG A 12 6.91 0.72 -6.06
CA ARG A 12 5.50 1.06 -6.14
C ARG A 12 4.88 1.14 -4.73
N TYR A 13 3.92 2.04 -4.58
CA TYR A 13 3.24 2.22 -3.30
C TYR A 13 2.81 0.88 -2.71
N GLU A 14 2.79 0.81 -1.39
CA GLU A 14 2.40 -0.42 -0.70
C GLU A 14 1.57 -0.10 0.54
N CYS A 15 0.75 -1.07 0.97
CA CYS A 15 -0.09 -0.89 2.13
C CYS A 15 0.43 -1.72 3.31
N SER A 16 0.75 -1.03 4.40
CA SER A 16 1.27 -1.70 5.60
C SER A 16 0.14 -2.26 6.44
N LYS A 17 -1.05 -2.35 5.84
CA LYS A 17 -2.22 -2.88 6.54
C LYS A 17 -2.59 -4.26 6.00
N CYS A 18 -2.65 -4.38 4.67
CA CYS A 18 -2.99 -5.64 4.04
C CYS A 18 -1.84 -6.17 3.20
N GLN A 19 -0.73 -5.43 3.20
CA GLN A 19 0.45 -5.82 2.43
C GLN A 19 0.12 -5.93 0.95
N ALA A 20 -0.54 -4.91 0.42
CA ALA A 20 -0.92 -4.89 -1.00
C ALA A 20 -0.19 -3.78 -1.74
N THR A 21 0.27 -4.08 -2.94
CA THR A 21 0.99 -3.11 -3.75
C THR A 21 0.07 -2.51 -4.82
N PHE A 22 0.23 -1.21 -5.07
CA PHE A 22 -0.58 -0.52 -6.06
C PHE A 22 0.30 0.10 -7.14
N ASN A 23 -0.34 0.66 -8.17
CA ASN A 23 0.38 1.28 -9.27
C ASN A 23 0.19 2.80 -9.26
N LEU A 24 -1.07 3.23 -9.13
CA LEU A 24 -1.39 4.65 -9.11
C LEU A 24 -1.46 5.17 -7.68
N ARG A 25 -0.94 6.37 -7.46
CA ARG A 25 -0.93 6.98 -6.14
C ARG A 25 -2.36 7.12 -5.60
N LYS A 26 -3.26 7.58 -6.45
CA LYS A 26 -4.66 7.76 -6.06
C LYS A 26 -5.27 6.43 -5.61
N HIS A 27 -5.03 5.38 -6.38
CA HIS A 27 -5.55 4.06 -6.06
C HIS A 27 -5.33 3.73 -4.59
N LEU A 28 -4.17 4.11 -4.07
CA LEU A 28 -3.83 3.86 -2.68
C LEU A 28 -4.70 4.69 -1.75
N ILE A 29 -4.73 6.00 -1.97
CA ILE A 29 -5.53 6.90 -1.14
C ILE A 29 -6.98 6.42 -1.07
N GLN A 30 -7.56 6.09 -2.21
CA GLN A 30 -8.94 5.62 -2.27
C GLN A 30 -9.07 4.25 -1.61
N HIS A 31 -8.06 3.40 -1.81
CA HIS A 31 -8.07 2.06 -1.23
C HIS A 31 -8.15 2.12 0.29
N GLN A 32 -7.22 2.85 0.90
CA GLN A 32 -7.19 2.98 2.35
C GLN A 32 -8.61 3.07 2.92
N LYS A 33 -9.42 3.93 2.33
CA LYS A 33 -10.80 4.12 2.77
C LYS A 33 -11.43 2.78 3.13
N THR A 34 -11.34 1.82 2.21
CA THR A 34 -11.91 0.50 2.43
C THR A 34 -11.62 0.00 3.84
N HIS A 35 -10.40 0.24 4.31
CA HIS A 35 -10.00 -0.17 5.64
C HIS A 35 -10.74 0.62 6.71
N ALA A 36 -10.96 1.90 6.44
CA ALA A 36 -11.66 2.77 7.37
C ALA A 36 -11.20 2.52 8.81
N ALA A 37 -9.91 2.21 8.97
CA ALA A 37 -9.35 1.95 10.28
C ALA A 37 -9.85 2.96 11.31
N LYS A 38 -9.74 2.61 12.58
CA LYS A 38 -10.18 3.48 13.66
C LYS A 38 -8.99 4.00 14.46
N SER A 39 -8.40 5.10 14.00
CA SER A 39 -7.25 5.70 14.67
C SER A 39 -7.51 7.16 14.99
N GLY A 40 -7.87 7.93 13.96
CA GLY A 40 -8.15 9.35 14.16
C GLY A 40 -8.38 10.07 12.86
N PRO A 41 -9.63 10.01 12.36
CA PRO A 41 -10.01 10.66 11.09
C PRO A 41 -10.04 12.18 11.22
N SER A 42 -9.42 12.85 10.26
CA SER A 42 -9.37 14.32 10.26
C SER A 42 -10.50 14.89 9.41
N SER A 43 -11.58 15.30 10.06
CA SER A 43 -12.72 15.87 9.35
C SER A 43 -12.82 17.37 9.60
N GLY A 44 -12.03 18.14 8.86
CA GLY A 44 -12.04 19.58 9.02
C GLY A 44 -12.14 20.00 10.47
N GLY A 1 35.24 -3.01 -7.43
CA GLY A 1 33.97 -2.97 -8.13
C GLY A 1 32.83 -3.47 -7.27
N SER A 2 31.61 -3.03 -7.59
CA SER A 2 30.43 -3.43 -6.84
C SER A 2 29.69 -4.57 -7.54
N SER A 3 28.95 -5.35 -6.76
CA SER A 3 28.21 -6.48 -7.31
C SER A 3 26.90 -6.67 -6.57
N GLY A 4 25.80 -6.80 -7.32
CA GLY A 4 24.50 -7.00 -6.71
C GLY A 4 23.82 -5.68 -6.38
N SER A 5 23.57 -4.87 -7.40
CA SER A 5 22.93 -3.58 -7.21
C SER A 5 21.49 -3.60 -7.71
N SER A 6 20.59 -4.10 -6.86
CA SER A 6 19.17 -4.19 -7.21
C SER A 6 18.32 -4.38 -5.97
N GLY A 7 17.00 -4.42 -6.16
CA GLY A 7 16.09 -4.60 -5.05
C GLY A 7 14.72 -4.02 -5.32
N HIS A 8 14.55 -2.75 -4.98
CA HIS A 8 13.27 -2.07 -5.19
C HIS A 8 13.32 -1.19 -6.44
N THR A 9 13.14 -1.81 -7.60
CA THR A 9 13.18 -1.08 -8.86
C THR A 9 11.89 -0.27 -9.06
N ARG A 10 10.75 -0.97 -9.10
CA ARG A 10 9.47 -0.31 -9.28
C ARG A 10 9.14 0.60 -8.10
N LYS A 11 8.40 1.66 -8.36
CA LYS A 11 8.01 2.60 -7.32
C LYS A 11 6.61 2.29 -6.78
N ARG A 12 6.03 1.21 -7.28
CA ARG A 12 4.70 0.80 -6.86
C ARG A 12 4.49 1.08 -5.37
N TYR A 13 3.29 1.53 -5.03
CA TYR A 13 2.95 1.85 -3.64
C TYR A 13 2.52 0.60 -2.89
N GLU A 14 2.76 0.60 -1.58
CA GLU A 14 2.39 -0.54 -0.73
C GLU A 14 1.48 -0.09 0.41
N CYS A 15 0.68 -1.02 0.92
CA CYS A 15 -0.24 -0.73 2.01
C CYS A 15 0.26 -1.36 3.31
N SER A 16 0.38 -0.54 4.35
CA SER A 16 0.85 -1.01 5.65
C SER A 16 -0.31 -1.60 6.46
N LYS A 17 -1.38 -1.99 5.76
CA LYS A 17 -2.54 -2.56 6.40
C LYS A 17 -2.77 -4.00 5.94
N CYS A 18 -2.80 -4.20 4.63
CA CYS A 18 -3.00 -5.53 4.05
C CYS A 18 -1.78 -5.96 3.26
N GLN A 19 -0.74 -5.12 3.26
CA GLN A 19 0.48 -5.42 2.53
C GLN A 19 0.20 -5.68 1.06
N ALA A 20 -0.50 -4.74 0.42
CA ALA A 20 -0.84 -4.86 -0.99
C ALA A 20 0.05 -3.96 -1.85
N THR A 21 -0.17 -4.02 -3.16
CA THR A 21 0.62 -3.21 -4.08
C THR A 21 -0.28 -2.49 -5.09
N PHE A 22 0.16 -1.31 -5.52
CA PHE A 22 -0.61 -0.52 -6.48
C PHE A 22 0.30 0.09 -7.54
N ASN A 23 -0.29 0.56 -8.63
CA ASN A 23 0.47 1.17 -9.72
C ASN A 23 0.55 2.68 -9.53
N LEU A 24 -0.60 3.30 -9.21
CA LEU A 24 -0.65 4.73 -9.02
C LEU A 24 -0.76 5.08 -7.54
N ARG A 25 -0.80 6.38 -7.23
CA ARG A 25 -0.90 6.83 -5.86
C ARG A 25 -2.36 7.01 -5.45
N LYS A 26 -3.12 7.72 -6.27
CA LYS A 26 -4.53 7.96 -6.00
C LYS A 26 -5.24 6.66 -5.61
N HIS A 27 -4.77 5.55 -6.16
CA HIS A 27 -5.36 4.25 -5.87
C HIS A 27 -5.18 3.89 -4.40
N LEU A 28 -3.96 4.09 -3.89
CA LEU A 28 -3.66 3.80 -2.49
C LEU A 28 -4.59 4.56 -1.56
N ILE A 29 -4.64 5.88 -1.72
CA ILE A 29 -5.49 6.72 -0.89
C ILE A 29 -6.93 6.22 -0.91
N GLN A 30 -7.45 5.95 -2.09
CA GLN A 30 -8.81 5.46 -2.24
C GLN A 30 -8.97 4.09 -1.60
N HIS A 31 -7.91 3.28 -1.66
CA HIS A 31 -7.93 1.95 -1.08
C HIS A 31 -8.09 2.01 0.43
N GLN A 32 -7.30 2.86 1.07
CA GLN A 32 -7.35 3.02 2.52
C GLN A 32 -8.79 3.01 3.02
N LYS A 33 -9.67 3.71 2.30
CA LYS A 33 -11.08 3.77 2.67
C LYS A 33 -11.62 2.40 3.05
N THR A 34 -11.21 1.39 2.30
CA THR A 34 -11.65 0.02 2.56
C THR A 34 -11.37 -0.38 4.01
N HIS A 35 -10.26 0.10 4.55
CA HIS A 35 -9.87 -0.20 5.92
C HIS A 35 -10.57 0.75 6.90
N ALA A 36 -11.66 1.36 6.44
CA ALA A 36 -12.41 2.29 7.28
C ALA A 36 -13.75 1.70 7.69
N ALA A 37 -13.94 1.54 9.00
CA ALA A 37 -15.19 0.98 9.52
C ALA A 37 -16.29 2.03 9.56
N LYS A 38 -16.39 2.80 8.48
CA LYS A 38 -17.41 3.84 8.39
C LYS A 38 -17.66 4.23 6.93
N SER A 39 -18.86 3.98 6.45
CA SER A 39 -19.23 4.30 5.07
C SER A 39 -20.75 4.32 4.90
N GLY A 40 -21.20 4.85 3.77
CA GLY A 40 -22.62 4.92 3.49
C GLY A 40 -23.13 3.71 2.74
N PRO A 41 -24.34 3.83 2.17
CA PRO A 41 -24.96 2.74 1.40
C PRO A 41 -24.25 2.49 0.07
N SER A 42 -23.17 3.24 -0.16
CA SER A 42 -22.41 3.10 -1.40
C SER A 42 -22.00 1.64 -1.63
N SER A 43 -22.78 0.94 -2.45
CA SER A 43 -22.51 -0.47 -2.74
C SER A 43 -23.04 -0.84 -4.11
N GLY A 44 -22.58 -1.97 -4.64
CA GLY A 44 -23.02 -2.42 -5.95
C GLY A 44 -21.90 -2.39 -6.98
N GLY A 1 31.50 -10.60 -0.99
CA GLY A 1 31.69 -9.54 -1.97
C GLY A 1 31.66 -8.16 -1.34
N SER A 2 31.67 -7.13 -2.18
CA SER A 2 31.66 -5.75 -1.70
C SER A 2 30.32 -5.10 -1.98
N SER A 3 29.23 -5.84 -1.75
CA SER A 3 27.89 -5.33 -1.99
C SER A 3 27.07 -5.35 -0.70
N GLY A 4 26.05 -4.50 -0.64
CA GLY A 4 25.21 -4.43 0.53
C GLY A 4 23.86 -3.81 0.23
N SER A 5 23.67 -2.56 0.65
CA SER A 5 22.41 -1.86 0.44
C SER A 5 22.01 -1.91 -1.03
N SER A 6 20.82 -2.45 -1.30
CA SER A 6 20.32 -2.57 -2.65
C SER A 6 20.24 -1.20 -3.32
N GLY A 7 19.51 -0.29 -2.69
CA GLY A 7 19.37 1.05 -3.24
C GLY A 7 17.92 1.44 -3.43
N HIS A 8 17.65 2.26 -4.46
CA HIS A 8 16.30 2.70 -4.75
C HIS A 8 15.47 1.58 -5.36
N THR A 9 14.52 1.06 -4.57
CA THR A 9 13.67 -0.02 -5.02
C THR A 9 12.20 0.28 -4.73
N ARG A 10 11.82 1.54 -4.88
CA ARG A 10 10.44 1.96 -4.63
C ARG A 10 9.80 2.51 -5.90
N LYS A 11 9.36 1.59 -6.76
CA LYS A 11 8.72 1.97 -8.02
C LYS A 11 7.20 1.89 -7.91
N ARG A 12 6.72 1.45 -6.74
CA ARG A 12 5.29 1.34 -6.51
C ARG A 12 4.96 1.53 -5.03
N TYR A 13 3.73 1.96 -4.76
CA TYR A 13 3.30 2.19 -3.39
C TYR A 13 2.74 0.92 -2.76
N GLU A 14 3.06 0.70 -1.49
CA GLU A 14 2.60 -0.48 -0.77
C GLU A 14 1.79 -0.10 0.45
N CYS A 15 0.80 -0.93 0.79
CA CYS A 15 -0.06 -0.66 1.93
C CYS A 15 0.63 -1.10 3.23
N SER A 16 0.05 -0.69 4.36
CA SER A 16 0.61 -1.02 5.66
C SER A 16 -0.31 -1.98 6.41
N LYS A 17 -1.52 -2.16 5.89
CA LYS A 17 -2.49 -3.06 6.51
C LYS A 17 -2.58 -4.38 5.75
N CYS A 18 -3.05 -4.31 4.52
CA CYS A 18 -3.18 -5.51 3.68
C CYS A 18 -1.89 -5.76 2.89
N GLN A 19 -0.87 -4.96 3.18
CA GLN A 19 0.41 -5.11 2.50
C GLN A 19 0.22 -5.42 1.02
N ALA A 20 -0.60 -4.60 0.35
CA ALA A 20 -0.87 -4.79 -1.07
C ALA A 20 -0.05 -3.83 -1.92
N THR A 21 0.00 -4.09 -3.22
CA THR A 21 0.74 -3.25 -4.15
C THR A 21 -0.19 -2.51 -5.09
N PHE A 22 0.17 -1.27 -5.41
CA PHE A 22 -0.64 -0.45 -6.31
C PHE A 22 0.22 0.21 -7.38
N ASN A 23 -0.40 0.57 -8.49
CA ASN A 23 0.32 1.21 -9.60
C ASN A 23 0.17 2.73 -9.54
N LEU A 24 -1.03 3.18 -9.18
CA LEU A 24 -1.31 4.61 -9.09
C LEU A 24 -1.49 5.04 -7.63
N ARG A 25 -0.64 5.95 -7.18
CA ARG A 25 -0.71 6.44 -5.81
C ARG A 25 -2.16 6.68 -5.38
N LYS A 26 -2.95 7.25 -6.29
CA LYS A 26 -4.35 7.53 -6.02
C LYS A 26 -5.07 6.27 -5.53
N HIS A 27 -4.80 5.15 -6.18
CA HIS A 27 -5.41 3.87 -5.81
C HIS A 27 -5.18 3.57 -4.33
N LEU A 28 -4.02 3.98 -3.82
CA LEU A 28 -3.68 3.76 -2.42
C LEU A 28 -4.53 4.62 -1.50
N ILE A 29 -4.45 5.94 -1.70
CA ILE A 29 -5.22 6.87 -0.89
C ILE A 29 -6.68 6.46 -0.81
N GLN A 30 -7.28 6.22 -1.97
CA GLN A 30 -8.69 5.82 -2.03
C GLN A 30 -8.88 4.43 -1.46
N HIS A 31 -7.87 3.58 -1.62
CA HIS A 31 -7.93 2.20 -1.11
C HIS A 31 -8.09 2.20 0.40
N GLN A 32 -7.49 3.17 1.07
CA GLN A 32 -7.57 3.27 2.52
C GLN A 32 -9.02 3.29 2.98
N LYS A 33 -9.93 3.52 2.05
CA LYS A 33 -11.35 3.56 2.36
C LYS A 33 -11.83 2.20 2.89
N THR A 34 -11.37 1.13 2.26
CA THR A 34 -11.75 -0.22 2.67
C THR A 34 -11.19 -0.55 4.05
N HIS A 35 -10.29 0.28 4.53
CA HIS A 35 -9.67 0.08 5.84
C HIS A 35 -10.30 1.01 6.88
N ALA A 36 -11.48 1.53 6.57
CA ALA A 36 -12.19 2.43 7.47
C ALA A 36 -12.50 1.74 8.80
N ALA A 37 -12.72 2.55 9.83
CA ALA A 37 -13.04 2.02 11.16
C ALA A 37 -14.54 1.81 11.33
N LYS A 38 -15.32 2.80 10.90
CA LYS A 38 -16.77 2.73 11.01
C LYS A 38 -17.30 1.50 10.29
N SER A 39 -17.92 0.60 11.06
CA SER A 39 -18.48 -0.63 10.50
C SER A 39 -19.96 -0.79 10.88
N GLY A 40 -20.71 -1.51 10.05
CA GLY A 40 -22.11 -1.73 10.33
C GLY A 40 -22.65 -2.96 9.65
N PRO A 41 -22.95 -2.85 8.34
CA PRO A 41 -23.48 -3.96 7.55
C PRO A 41 -22.44 -5.05 7.32
N SER A 42 -21.22 -4.81 7.76
CA SER A 42 -20.13 -5.76 7.60
C SER A 42 -20.64 -7.19 7.78
N SER A 43 -21.18 -7.47 8.96
CA SER A 43 -21.70 -8.81 9.26
C SER A 43 -22.79 -9.20 8.26
N GLY A 44 -22.77 -10.46 7.85
CA GLY A 44 -23.76 -10.95 6.90
C GLY A 44 -23.21 -11.05 5.49
N GLY A 1 31.29 -9.96 -14.47
CA GLY A 1 29.87 -9.72 -14.65
C GLY A 1 29.36 -8.57 -13.81
N SER A 2 29.64 -7.34 -14.25
CA SER A 2 29.20 -6.16 -13.52
C SER A 2 27.87 -5.65 -14.05
N SER A 3 26.78 -6.10 -13.45
CA SER A 3 25.45 -5.70 -13.86
C SER A 3 24.66 -5.12 -12.68
N GLY A 4 23.82 -4.14 -12.97
CA GLY A 4 23.01 -3.52 -11.92
C GLY A 4 21.55 -3.40 -12.30
N SER A 5 20.96 -2.25 -12.02
CA SER A 5 19.56 -2.00 -12.34
C SER A 5 18.71 -3.22 -11.99
N SER A 6 18.99 -3.82 -10.84
CA SER A 6 18.26 -5.00 -10.39
C SER A 6 17.56 -4.74 -9.06
N GLY A 7 16.63 -5.62 -8.69
CA GLY A 7 15.90 -5.46 -7.45
C GLY A 7 14.98 -4.26 -7.46
N HIS A 8 13.77 -4.45 -7.98
CA HIS A 8 12.79 -3.37 -8.04
C HIS A 8 12.04 -3.23 -6.72
N THR A 9 12.77 -3.33 -5.61
CA THR A 9 12.18 -3.22 -4.29
C THR A 9 11.94 -1.76 -3.92
N ARG A 10 10.80 -1.50 -3.27
CA ARG A 10 10.46 -0.14 -2.86
C ARG A 10 10.32 0.78 -4.07
N LYS A 11 9.74 0.25 -5.14
CA LYS A 11 9.54 1.02 -6.37
C LYS A 11 8.07 1.29 -6.61
N ARG A 12 7.22 0.78 -5.73
CA ARG A 12 5.78 0.96 -5.85
C ARG A 12 5.13 1.09 -4.48
N TYR A 13 4.10 1.93 -4.39
CA TYR A 13 3.39 2.15 -3.13
C TYR A 13 2.81 0.84 -2.60
N GLU A 14 3.05 0.57 -1.33
CA GLU A 14 2.55 -0.65 -0.70
C GLU A 14 1.64 -0.32 0.48
N CYS A 15 0.55 -1.06 0.59
CA CYS A 15 -0.41 -0.84 1.68
C CYS A 15 0.06 -1.54 2.97
N SER A 16 0.38 -0.73 3.97
CA SER A 16 0.84 -1.27 5.25
C SER A 16 -0.32 -1.84 6.05
N LYS A 17 -1.50 -1.86 5.44
CA LYS A 17 -2.69 -2.38 6.09
C LYS A 17 -2.94 -3.83 5.69
N CYS A 18 -2.95 -4.08 4.38
CA CYS A 18 -3.18 -5.43 3.85
C CYS A 18 -1.91 -5.98 3.21
N GLN A 19 -0.89 -5.14 3.12
CA GLN A 19 0.38 -5.54 2.52
C GLN A 19 0.21 -5.83 1.03
N ALA A 20 -0.40 -4.90 0.32
CA ALA A 20 -0.62 -5.06 -1.11
C ALA A 20 0.25 -4.09 -1.91
N THR A 21 0.17 -4.18 -3.24
CA THR A 21 0.95 -3.33 -4.12
C THR A 21 0.06 -2.59 -5.11
N PHE A 22 0.42 -1.36 -5.43
CA PHE A 22 -0.35 -0.56 -6.37
C PHE A 22 0.58 0.21 -7.32
N ASN A 23 0.00 0.73 -8.40
CA ASN A 23 0.77 1.49 -9.38
C ASN A 23 0.50 2.98 -9.27
N LEU A 24 -0.77 3.33 -9.13
CA LEU A 24 -1.18 4.73 -9.01
C LEU A 24 -1.29 5.13 -7.54
N ARG A 25 -0.59 6.19 -7.17
CA ARG A 25 -0.60 6.69 -5.80
C ARG A 25 -2.03 7.06 -5.38
N LYS A 26 -2.90 7.27 -6.36
CA LYS A 26 -4.28 7.62 -6.09
C LYS A 26 -5.11 6.38 -5.78
N HIS A 27 -4.66 5.24 -6.26
CA HIS A 27 -5.36 3.97 -6.04
C HIS A 27 -5.35 3.62 -4.55
N LEU A 28 -4.26 3.95 -3.87
CA LEU A 28 -4.13 3.67 -2.44
C LEU A 28 -4.99 4.62 -1.62
N ILE A 29 -5.11 5.85 -2.08
CA ILE A 29 -5.90 6.85 -1.38
C ILE A 29 -7.32 6.35 -1.12
N GLN A 30 -8.00 5.94 -2.19
CA GLN A 30 -9.36 5.42 -2.08
C GLN A 30 -9.39 4.10 -1.33
N HIS A 31 -8.35 3.28 -1.54
CA HIS A 31 -8.26 1.99 -0.89
C HIS A 31 -8.24 2.14 0.63
N GLN A 32 -7.34 2.99 1.12
CA GLN A 32 -7.22 3.22 2.56
C GLN A 32 -8.59 3.37 3.21
N LYS A 33 -9.58 3.74 2.40
CA LYS A 33 -10.94 3.92 2.90
C LYS A 33 -11.53 2.59 3.37
N THR A 34 -11.36 1.56 2.56
CA THR A 34 -11.88 0.24 2.89
C THR A 34 -11.24 -0.28 4.17
N HIS A 35 -10.21 0.41 4.64
CA HIS A 35 -9.52 0.01 5.87
C HIS A 35 -10.00 0.83 7.06
N ALA A 36 -11.14 1.51 6.88
CA ALA A 36 -11.72 2.33 7.93
C ALA A 36 -12.96 1.68 8.52
N ALA A 37 -12.83 1.13 9.72
CA ALA A 37 -13.95 0.47 10.39
C ALA A 37 -13.67 0.30 11.88
N LYS A 38 -14.74 0.24 12.67
CA LYS A 38 -14.61 0.07 14.12
C LYS A 38 -14.54 -1.40 14.49
N SER A 39 -15.52 -2.17 14.02
CA SER A 39 -15.57 -3.60 14.31
C SER A 39 -14.59 -4.37 13.42
N GLY A 40 -13.73 -5.15 14.05
CA GLY A 40 -12.75 -5.93 13.30
C GLY A 40 -11.66 -6.49 14.18
N PRO A 41 -10.53 -5.75 14.27
CA PRO A 41 -9.38 -6.17 15.08
C PRO A 41 -9.67 -6.10 16.58
N SER A 42 -8.70 -6.51 17.39
CA SER A 42 -8.86 -6.50 18.84
C SER A 42 -8.04 -5.37 19.46
N SER A 43 -8.65 -4.66 20.41
CA SER A 43 -7.98 -3.55 21.09
C SER A 43 -7.38 -2.58 20.07
N GLY A 44 -8.15 -2.27 19.03
CA GLY A 44 -7.68 -1.35 18.02
C GLY A 44 -8.06 -1.80 16.61
N GLY A 1 36.05 -9.88 -10.98
CA GLY A 1 36.99 -8.85 -10.57
C GLY A 1 36.29 -7.60 -10.05
N SER A 2 35.60 -7.73 -8.93
CA SER A 2 34.89 -6.62 -8.33
C SER A 2 33.78 -6.12 -9.26
N SER A 3 33.04 -7.05 -9.85
CA SER A 3 31.96 -6.71 -10.77
C SER A 3 30.88 -5.93 -10.06
N GLY A 4 29.84 -5.55 -10.80
CA GLY A 4 28.75 -4.79 -10.22
C GLY A 4 27.40 -5.20 -10.78
N SER A 5 26.36 -4.47 -10.41
CA SER A 5 25.01 -4.77 -10.88
C SER A 5 24.08 -3.56 -10.68
N SER A 6 23.08 -3.45 -11.55
CA SER A 6 22.14 -2.35 -11.48
C SER A 6 20.77 -2.83 -11.02
N GLY A 7 19.94 -1.89 -10.56
CA GLY A 7 18.61 -2.25 -10.09
C GLY A 7 17.52 -1.55 -10.88
N HIS A 8 17.02 -2.22 -11.91
CA HIS A 8 15.96 -1.66 -12.75
C HIS A 8 14.59 -2.10 -12.26
N THR A 9 13.90 -1.20 -11.54
CA THR A 9 12.58 -1.50 -11.02
C THR A 9 11.81 -0.22 -10.71
N ARG A 10 10.54 -0.19 -11.08
CA ARG A 10 9.69 0.97 -10.84
C ARG A 10 9.05 0.90 -9.46
N LYS A 11 9.45 1.81 -8.58
CA LYS A 11 8.90 1.84 -7.22
C LYS A 11 7.38 1.98 -7.25
N ARG A 12 6.71 1.14 -6.46
CA ARG A 12 5.25 1.17 -6.40
C ARG A 12 4.77 1.46 -4.98
N TYR A 13 3.51 1.88 -4.86
CA TYR A 13 2.93 2.20 -3.56
C TYR A 13 2.37 0.95 -2.89
N GLU A 14 2.60 0.82 -1.59
CA GLU A 14 2.11 -0.32 -0.83
C GLU A 14 1.10 0.11 0.22
N CYS A 15 0.27 -0.82 0.67
CA CYS A 15 -0.74 -0.53 1.68
C CYS A 15 -0.14 -0.63 3.08
N SER A 16 -0.89 -0.12 4.06
CA SER A 16 -0.44 -0.15 5.45
C SER A 16 -1.19 -1.19 6.26
N LYS A 17 -2.30 -1.67 5.70
CA LYS A 17 -3.12 -2.67 6.37
C LYS A 17 -2.90 -4.05 5.76
N CYS A 18 -3.16 -4.17 4.46
CA CYS A 18 -2.98 -5.43 3.75
C CYS A 18 -1.64 -5.47 3.03
N GLN A 19 -0.85 -4.42 3.21
CA GLN A 19 0.47 -4.33 2.57
C GLN A 19 0.39 -4.75 1.12
N ALA A 20 -0.71 -4.40 0.46
CA ALA A 20 -0.90 -4.75 -0.94
C ALA A 20 -0.03 -3.87 -1.85
N THR A 21 -0.19 -4.03 -3.15
CA THR A 21 0.58 -3.26 -4.13
C THR A 21 -0.33 -2.59 -5.14
N PHE A 22 0.07 -1.40 -5.59
CA PHE A 22 -0.72 -0.65 -6.57
C PHE A 22 0.19 -0.02 -7.62
N ASN A 23 -0.41 0.48 -8.69
CA ASN A 23 0.34 1.12 -9.77
C ASN A 23 0.39 2.63 -9.58
N LEU A 24 -0.74 3.21 -9.20
CA LEU A 24 -0.82 4.65 -8.98
C LEU A 24 -0.82 4.98 -7.49
N ARG A 25 -0.71 6.26 -7.18
CA ARG A 25 -0.70 6.71 -5.78
C ARG A 25 -2.14 6.85 -5.25
N LYS A 26 -2.91 7.74 -5.86
CA LYS A 26 -4.29 7.96 -5.45
C LYS A 26 -5.06 6.65 -5.38
N HIS A 27 -4.55 5.64 -6.09
CA HIS A 27 -5.19 4.34 -6.11
C HIS A 27 -5.03 3.63 -4.77
N LEU A 28 -3.91 3.88 -4.11
CA LEU A 28 -3.63 3.25 -2.81
C LEU A 28 -4.44 3.93 -1.70
N ILE A 29 -4.34 5.25 -1.62
CA ILE A 29 -5.07 6.00 -0.61
C ILE A 29 -6.56 5.74 -0.70
N GLN A 30 -7.08 5.68 -1.93
CA GLN A 30 -8.49 5.44 -2.15
C GLN A 30 -8.89 4.04 -1.70
N HIS A 31 -7.90 3.13 -1.65
CA HIS A 31 -8.15 1.77 -1.24
C HIS A 31 -8.04 1.62 0.28
N GLN A 32 -6.95 2.13 0.84
CA GLN A 32 -6.73 2.08 2.28
C GLN A 32 -8.02 2.35 3.04
N LYS A 33 -8.64 3.48 2.75
CA LYS A 33 -9.89 3.86 3.40
C LYS A 33 -10.78 2.64 3.62
N THR A 34 -10.80 1.74 2.65
CA THR A 34 -11.61 0.53 2.74
C THR A 34 -11.48 -0.12 4.11
N HIS A 35 -10.23 -0.23 4.59
CA HIS A 35 -9.97 -0.84 5.89
C HIS A 35 -10.48 0.06 7.02
N ALA A 36 -10.41 1.37 6.80
CA ALA A 36 -10.87 2.33 7.80
C ALA A 36 -12.40 2.42 7.82
N ALA A 37 -13.02 1.66 8.72
CA ALA A 37 -14.47 1.66 8.84
C ALA A 37 -14.90 1.90 10.28
N LYS A 38 -16.18 2.21 10.47
CA LYS A 38 -16.73 2.47 11.79
C LYS A 38 -17.64 1.34 12.24
N SER A 39 -18.67 1.08 11.44
CA SER A 39 -19.63 0.02 11.76
C SER A 39 -18.92 -1.30 12.03
N GLY A 40 -19.56 -2.17 12.80
CA GLY A 40 -18.97 -3.46 13.12
C GLY A 40 -17.54 -3.33 13.62
N PRO A 41 -16.85 -4.48 13.77
CA PRO A 41 -15.47 -4.51 14.25
C PRO A 41 -14.49 -3.94 13.22
N SER A 42 -13.89 -2.81 13.56
CA SER A 42 -12.94 -2.16 12.67
C SER A 42 -11.82 -3.12 12.29
N SER A 43 -10.93 -2.66 11.41
CA SER A 43 -9.81 -3.47 10.95
C SER A 43 -8.66 -3.41 11.95
N GLY A 44 -8.98 -3.55 13.23
CA GLY A 44 -7.96 -3.50 14.26
C GLY A 44 -6.85 -2.50 13.94
N GLY A 1 31.33 -13.53 -3.07
CA GLY A 1 30.53 -12.61 -3.86
C GLY A 1 29.67 -11.72 -3.00
N SER A 2 29.55 -10.45 -3.40
CA SER A 2 28.75 -9.48 -2.66
C SER A 2 27.71 -8.83 -3.56
N SER A 3 26.43 -9.06 -3.24
CA SER A 3 25.34 -8.50 -4.02
C SER A 3 24.24 -7.95 -3.11
N GLY A 4 23.83 -6.71 -3.38
CA GLY A 4 22.80 -6.09 -2.57
C GLY A 4 21.40 -6.47 -3.02
N SER A 5 20.40 -6.00 -2.30
CA SER A 5 19.01 -6.30 -2.62
C SER A 5 18.50 -5.38 -3.73
N SER A 6 19.31 -5.22 -4.78
CA SER A 6 18.95 -4.37 -5.90
C SER A 6 18.20 -3.13 -5.42
N GLY A 7 18.68 -2.55 -4.33
CA GLY A 7 18.04 -1.36 -3.78
C GLY A 7 16.91 -1.70 -2.82
N HIS A 8 16.09 -0.70 -2.51
CA HIS A 8 14.97 -0.89 -1.60
C HIS A 8 14.06 -2.01 -2.09
N THR A 9 13.94 -3.06 -1.29
CA THR A 9 13.09 -4.20 -1.65
C THR A 9 11.83 -3.74 -2.36
N ARG A 10 11.08 -2.85 -1.71
CA ARG A 10 9.84 -2.34 -2.28
C ARG A 10 10.07 -0.97 -2.92
N LYS A 11 9.82 -0.87 -4.23
CA LYS A 11 9.99 0.38 -4.96
C LYS A 11 8.65 0.92 -5.43
N ARG A 12 7.57 0.24 -5.05
CA ARG A 12 6.23 0.66 -5.43
C ARG A 12 5.35 0.91 -4.20
N TYR A 13 4.25 1.61 -4.39
CA TYR A 13 3.33 1.92 -3.31
C TYR A 13 2.81 0.65 -2.66
N GLU A 14 2.91 0.57 -1.34
CA GLU A 14 2.44 -0.60 -0.60
C GLU A 14 1.57 -0.19 0.58
N CYS A 15 0.58 -1.00 0.89
CA CYS A 15 -0.34 -0.72 2.00
C CYS A 15 0.16 -1.38 3.28
N SER A 16 0.26 -0.59 4.35
CA SER A 16 0.72 -1.10 5.63
C SER A 16 -0.42 -1.76 6.39
N LYS A 17 -1.51 -2.04 5.68
CA LYS A 17 -2.68 -2.66 6.29
C LYS A 17 -2.87 -4.08 5.75
N CYS A 18 -3.05 -4.20 4.44
CA CYS A 18 -3.25 -5.49 3.80
C CYS A 18 -1.97 -5.96 3.12
N GLN A 19 -0.94 -5.12 3.17
CA GLN A 19 0.35 -5.45 2.56
C GLN A 19 0.19 -5.70 1.07
N ALA A 20 -0.55 -4.82 0.41
CA ALA A 20 -0.79 -4.94 -1.03
C ALA A 20 0.00 -3.88 -1.80
N THR A 21 0.17 -4.11 -3.10
CA THR A 21 0.91 -3.18 -3.95
C THR A 21 -0.03 -2.50 -4.94
N PHE A 22 0.30 -1.26 -5.29
CA PHE A 22 -0.50 -0.50 -6.24
C PHE A 22 0.37 0.12 -7.33
N ASN A 23 -0.26 0.74 -8.32
CA ASN A 23 0.45 1.37 -9.42
C ASN A 23 0.31 2.89 -9.36
N LEU A 24 -0.90 3.35 -9.06
CA LEU A 24 -1.16 4.78 -8.97
C LEU A 24 -1.38 5.21 -7.52
N ARG A 25 -0.98 6.43 -7.20
CA ARG A 25 -1.12 6.97 -5.86
C ARG A 25 -2.60 7.03 -5.47
N LYS A 26 -3.38 7.76 -6.25
CA LYS A 26 -4.81 7.91 -5.99
C LYS A 26 -5.45 6.55 -5.71
N HIS A 27 -4.98 5.53 -6.40
CA HIS A 27 -5.51 4.18 -6.23
C HIS A 27 -5.29 3.69 -4.80
N LEU A 28 -4.14 4.02 -4.24
CA LEU A 28 -3.81 3.62 -2.87
C LEU A 28 -4.68 4.35 -1.87
N ILE A 29 -4.68 5.68 -1.94
CA ILE A 29 -5.47 6.50 -1.04
C ILE A 29 -6.95 6.12 -1.10
N GLN A 30 -7.44 5.88 -2.31
CA GLN A 30 -8.83 5.51 -2.52
C GLN A 30 -9.11 4.12 -1.95
N HIS A 31 -8.05 3.36 -1.71
CA HIS A 31 -8.19 2.01 -1.18
C HIS A 31 -8.09 2.02 0.35
N GLN A 32 -7.08 2.71 0.88
CA GLN A 32 -6.88 2.80 2.32
C GLN A 32 -8.22 2.90 3.04
N LYS A 33 -9.10 3.77 2.53
CA LYS A 33 -10.41 3.97 3.13
C LYS A 33 -11.08 2.63 3.43
N THR A 34 -11.01 1.71 2.47
CA THR A 34 -11.61 0.39 2.63
C THR A 34 -11.32 -0.18 4.01
N HIS A 35 -10.20 0.22 4.60
CA HIS A 35 -9.81 -0.24 5.92
C HIS A 35 -10.50 0.57 7.00
N ALA A 36 -11.61 1.20 6.66
CA ALA A 36 -12.35 2.02 7.61
C ALA A 36 -12.95 1.16 8.72
N ALA A 37 -13.47 -0.01 8.35
CA ALA A 37 -14.07 -0.92 9.31
C ALA A 37 -13.06 -1.97 9.77
N LYS A 38 -12.94 -2.14 11.08
CA LYS A 38 -12.01 -3.12 11.64
C LYS A 38 -12.69 -4.48 11.79
N SER A 39 -11.93 -5.54 11.52
CA SER A 39 -12.46 -6.90 11.62
C SER A 39 -11.64 -7.72 12.61
N GLY A 40 -12.19 -8.88 12.99
CA GLY A 40 -11.49 -9.74 13.94
C GLY A 40 -11.33 -11.15 13.42
N PRO A 41 -12.27 -12.04 13.79
CA PRO A 41 -12.26 -13.44 13.38
C PRO A 41 -12.56 -13.61 11.90
N SER A 42 -11.87 -14.55 11.25
CA SER A 42 -12.06 -14.80 9.83
C SER A 42 -13.32 -15.64 9.60
N SER A 43 -14.46 -14.96 9.47
CA SER A 43 -15.73 -15.64 9.25
C SER A 43 -16.47 -15.03 8.06
N GLY A 44 -16.54 -13.70 8.04
CA GLY A 44 -17.23 -13.02 6.96
C GLY A 44 -18.74 -13.04 7.11
N GLY A 1 23.41 -18.51 5.60
CA GLY A 1 22.00 -18.45 5.94
C GLY A 1 21.13 -17.97 4.79
N SER A 2 20.67 -16.73 4.88
CA SER A 2 19.83 -16.15 3.85
C SER A 2 20.37 -14.80 3.40
N SER A 3 20.64 -14.67 2.10
CA SER A 3 21.17 -13.43 1.54
C SER A 3 20.04 -12.49 1.15
N GLY A 4 19.86 -11.43 1.94
CA GLY A 4 18.81 -10.47 1.66
C GLY A 4 19.28 -9.35 0.75
N SER A 5 18.84 -9.39 -0.51
CA SER A 5 19.23 -8.38 -1.48
C SER A 5 18.07 -7.41 -1.74
N SER A 6 18.36 -6.33 -2.47
CA SER A 6 17.36 -5.34 -2.79
C SER A 6 17.80 -4.48 -3.97
N GLY A 7 16.84 -3.77 -4.57
CA GLY A 7 17.15 -2.92 -5.71
C GLY A 7 16.07 -2.97 -6.78
N HIS A 8 14.82 -2.95 -6.35
CA HIS A 8 13.68 -3.00 -7.28
C HIS A 8 13.99 -2.21 -8.54
N THR A 9 13.51 -2.71 -9.67
CA THR A 9 13.74 -2.05 -10.96
C THR A 9 12.57 -1.14 -11.32
N ARG A 10 11.53 -1.16 -10.50
CA ARG A 10 10.35 -0.34 -10.74
C ARG A 10 9.84 0.26 -9.43
N LYS A 11 8.99 1.28 -9.54
CA LYS A 11 8.42 1.94 -8.37
C LYS A 11 6.98 1.49 -8.13
N ARG A 12 6.61 1.39 -6.86
CA ARG A 12 5.25 0.96 -6.51
C ARG A 12 4.97 1.25 -5.03
N TYR A 13 3.70 1.46 -4.72
CA TYR A 13 3.30 1.75 -3.34
C TYR A 13 2.75 0.50 -2.66
N GLU A 14 3.09 0.33 -1.39
CA GLU A 14 2.64 -0.83 -0.62
C GLU A 14 1.88 -0.39 0.62
N CYS A 15 0.71 -0.99 0.82
CA CYS A 15 -0.12 -0.67 1.98
C CYS A 15 0.61 -0.96 3.28
N SER A 16 0.07 -0.45 4.39
CA SER A 16 0.68 -0.66 5.69
C SER A 16 -0.10 -1.70 6.49
N LYS A 17 -1.28 -2.06 6.00
CA LYS A 17 -2.11 -3.05 6.67
C LYS A 17 -2.17 -4.34 5.86
N CYS A 18 -2.75 -4.26 4.66
CA CYS A 18 -2.86 -5.42 3.79
C CYS A 18 -1.64 -5.55 2.89
N GLN A 19 -0.63 -4.72 3.15
CA GLN A 19 0.59 -4.75 2.35
C GLN A 19 0.29 -5.00 0.88
N ALA A 20 -0.77 -4.37 0.38
CA ALA A 20 -1.16 -4.53 -1.01
C ALA A 20 -0.36 -3.62 -1.93
N THR A 21 -0.23 -4.01 -3.19
CA THR A 21 0.51 -3.21 -4.17
C THR A 21 -0.42 -2.49 -5.11
N PHE A 22 -0.03 -1.28 -5.52
CA PHE A 22 -0.84 -0.48 -6.43
C PHE A 22 0.03 0.18 -7.50
N ASN A 23 -0.60 0.59 -8.60
CA ASN A 23 0.12 1.22 -9.69
C ASN A 23 0.11 2.74 -9.54
N LEU A 24 -1.07 3.30 -9.27
CA LEU A 24 -1.21 4.74 -9.09
C LEU A 24 -1.39 5.10 -7.62
N ARG A 25 -0.53 5.97 -7.13
CA ARG A 25 -0.58 6.40 -5.74
C ARG A 25 -2.03 6.64 -5.30
N LYS A 26 -2.80 7.28 -6.17
CA LYS A 26 -4.19 7.59 -5.88
C LYS A 26 -4.95 6.32 -5.47
N HIS A 27 -4.65 5.22 -6.15
CA HIS A 27 -5.30 3.94 -5.86
C HIS A 27 -5.13 3.58 -4.39
N LEU A 28 -4.04 4.04 -3.80
CA LEU A 28 -3.75 3.76 -2.39
C LEU A 28 -4.62 4.61 -1.48
N ILE A 29 -4.52 5.93 -1.63
CA ILE A 29 -5.29 6.86 -0.83
C ILE A 29 -6.77 6.48 -0.82
N GLN A 30 -7.31 6.19 -2.00
CA GLN A 30 -8.71 5.82 -2.12
C GLN A 30 -8.94 4.41 -1.57
N HIS A 31 -7.94 3.56 -1.67
CA HIS A 31 -8.04 2.19 -1.17
C HIS A 31 -8.20 2.18 0.35
N GLN A 32 -7.36 2.92 1.04
CA GLN A 32 -7.41 2.99 2.50
C GLN A 32 -8.85 3.05 2.98
N LYS A 33 -9.74 3.55 2.13
CA LYS A 33 -11.15 3.65 2.47
C LYS A 33 -11.70 2.30 2.93
N THR A 34 -11.48 1.28 2.12
CA THR A 34 -11.95 -0.07 2.44
C THR A 34 -11.60 -0.45 3.87
N HIS A 35 -10.43 -0.02 4.33
CA HIS A 35 -9.98 -0.32 5.68
C HIS A 35 -10.78 0.48 6.70
N ALA A 36 -11.14 1.71 6.34
CA ALA A 36 -11.90 2.58 7.23
C ALA A 36 -13.33 2.10 7.36
N ALA A 37 -13.55 1.13 8.24
CA ALA A 37 -14.88 0.58 8.48
C ALA A 37 -15.25 0.64 9.95
N LYS A 38 -16.39 1.25 10.25
CA LYS A 38 -16.86 1.38 11.62
C LYS A 38 -17.44 0.06 12.12
N SER A 39 -16.60 -0.74 12.77
CA SER A 39 -17.03 -2.04 13.29
C SER A 39 -16.21 -2.42 14.51
N GLY A 40 -16.82 -3.15 15.44
CA GLY A 40 -16.13 -3.58 16.64
C GLY A 40 -16.02 -5.09 16.74
N PRO A 41 -17.13 -5.74 17.10
CA PRO A 41 -17.18 -7.20 17.23
C PRO A 41 -17.07 -7.92 15.89
N SER A 42 -17.12 -9.24 15.93
CA SER A 42 -17.02 -10.04 14.72
C SER A 42 -16.07 -9.40 13.71
N SER A 43 -14.94 -8.91 14.21
CA SER A 43 -13.95 -8.27 13.36
C SER A 43 -12.59 -8.20 14.05
N GLY A 44 -11.56 -8.67 13.37
CA GLY A 44 -10.22 -8.67 13.93
C GLY A 44 -9.15 -8.62 12.87
N GLY A 1 24.77 -8.09 5.95
CA GLY A 1 23.54 -8.23 5.19
C GLY A 1 23.79 -8.62 3.75
N SER A 2 24.06 -9.90 3.52
CA SER A 2 24.32 -10.41 2.17
C SER A 2 23.26 -11.42 1.76
N SER A 3 22.11 -10.91 1.32
CA SER A 3 21.01 -11.76 0.89
C SER A 3 19.89 -10.93 0.24
N GLY A 4 19.08 -11.58 -0.58
CA GLY A 4 18.00 -10.89 -1.25
C GLY A 4 18.44 -10.22 -2.53
N SER A 5 18.39 -10.97 -3.63
CA SER A 5 18.79 -10.44 -4.94
C SER A 5 17.63 -9.73 -5.62
N SER A 6 16.99 -8.82 -4.90
CA SER A 6 15.86 -8.07 -5.43
C SER A 6 16.10 -6.57 -5.32
N GLY A 7 16.66 -6.15 -4.19
CA GLY A 7 16.93 -4.74 -3.98
C GLY A 7 15.67 -3.90 -3.90
N HIS A 8 15.31 -3.48 -2.70
CA HIS A 8 14.11 -2.68 -2.49
C HIS A 8 13.98 -1.60 -3.57
N THR A 9 13.08 -1.84 -4.52
CA THR A 9 12.86 -0.89 -5.61
C THR A 9 11.62 -0.04 -5.35
N ARG A 10 11.81 1.28 -5.31
CA ARG A 10 10.71 2.20 -5.08
C ARG A 10 10.07 2.63 -6.40
N LYS A 11 9.26 1.74 -6.96
CA LYS A 11 8.58 2.02 -8.22
C LYS A 11 7.08 1.84 -8.08
N ARG A 12 6.64 1.45 -6.90
CA ARG A 12 5.21 1.24 -6.63
C ARG A 12 4.88 1.57 -5.18
N TYR A 13 3.59 1.64 -4.88
CA TYR A 13 3.14 1.95 -3.53
C TYR A 13 2.62 0.70 -2.82
N GLU A 14 2.91 0.60 -1.53
CA GLU A 14 2.47 -0.54 -0.74
C GLU A 14 1.48 -0.12 0.34
N CYS A 15 0.61 -1.05 0.74
CA CYS A 15 -0.39 -0.76 1.76
C CYS A 15 0.04 -1.34 3.11
N SER A 16 0.17 -0.47 4.10
CA SER A 16 0.57 -0.89 5.44
C SER A 16 -0.64 -1.36 6.25
N LYS A 17 -1.59 -2.00 5.58
CA LYS A 17 -2.79 -2.49 6.24
C LYS A 17 -3.09 -3.93 5.82
N CYS A 18 -2.82 -4.24 4.55
CA CYS A 18 -3.06 -5.58 4.02
C CYS A 18 -1.87 -6.07 3.22
N GLN A 19 -0.79 -5.28 3.22
CA GLN A 19 0.42 -5.63 2.49
C GLN A 19 0.14 -5.72 1.00
N ALA A 20 -0.76 -4.87 0.51
CA ALA A 20 -1.10 -4.86 -0.90
C ALA A 20 -0.20 -3.91 -1.69
N THR A 21 -0.22 -4.04 -3.01
CA THR A 21 0.61 -3.19 -3.87
C THR A 21 -0.25 -2.44 -4.88
N PHE A 22 0.25 -1.28 -5.32
CA PHE A 22 -0.47 -0.47 -6.28
C PHE A 22 0.50 0.20 -7.26
N ASN A 23 -0.06 0.88 -8.26
CA ASN A 23 0.77 1.56 -9.26
C ASN A 23 0.62 3.08 -9.14
N LEU A 24 -0.61 3.53 -8.93
CA LEU A 24 -0.89 4.96 -8.79
C LEU A 24 -1.19 5.32 -7.35
N ARG A 25 -0.87 6.55 -6.97
CA ARG A 25 -1.11 7.03 -5.62
C ARG A 25 -2.60 7.03 -5.29
N LYS A 26 -3.36 7.78 -6.08
CA LYS A 26 -4.81 7.87 -5.88
C LYS A 26 -5.42 6.49 -5.68
N HIS A 27 -4.92 5.51 -6.43
CA HIS A 27 -5.41 4.15 -6.34
C HIS A 27 -5.29 3.62 -4.91
N LEU A 28 -4.14 3.84 -4.30
CA LEU A 28 -3.89 3.40 -2.93
C LEU A 28 -4.71 4.21 -1.94
N ILE A 29 -4.54 5.53 -1.98
CA ILE A 29 -5.27 6.44 -1.10
C ILE A 29 -6.75 6.06 -1.02
N GLN A 30 -7.32 5.71 -2.17
CA GLN A 30 -8.72 5.33 -2.23
C GLN A 30 -8.96 3.99 -1.55
N HIS A 31 -8.07 3.03 -1.80
CA HIS A 31 -8.18 1.71 -1.22
C HIS A 31 -8.09 1.78 0.31
N GLN A 32 -7.11 2.53 0.80
CA GLN A 32 -6.91 2.68 2.24
C GLN A 32 -8.22 3.03 2.94
N LYS A 33 -9.18 3.52 2.16
CA LYS A 33 -10.49 3.89 2.70
C LYS A 33 -11.22 2.66 3.24
N THR A 34 -11.11 1.55 2.52
CA THR A 34 -11.76 0.31 2.92
C THR A 34 -11.23 -0.19 4.26
N HIS A 35 -10.17 0.46 4.74
CA HIS A 35 -9.56 0.08 6.01
C HIS A 35 -10.02 1.01 7.14
N ALA A 36 -11.14 1.70 6.89
CA ALA A 36 -11.68 2.61 7.89
C ALA A 36 -12.65 1.89 8.82
N ALA A 37 -12.38 2.00 10.12
CA ALA A 37 -13.22 1.34 11.13
C ALA A 37 -14.23 2.33 11.71
N LYS A 38 -14.87 3.10 10.83
CA LYS A 38 -15.86 4.08 11.26
C LYS A 38 -17.19 3.87 10.53
N SER A 39 -17.11 3.68 9.22
CA SER A 39 -18.30 3.47 8.41
C SER A 39 -18.43 2.00 8.00
N GLY A 40 -19.67 1.57 7.78
CA GLY A 40 -19.90 0.19 7.39
C GLY A 40 -20.18 0.05 5.91
N PRO A 41 -19.78 -1.11 5.33
CA PRO A 41 -19.97 -1.39 3.91
C PRO A 41 -21.44 -1.61 3.56
N SER A 42 -21.99 -0.72 2.74
CA SER A 42 -23.39 -0.80 2.33
C SER A 42 -23.55 -1.81 1.19
N SER A 43 -24.80 -2.13 0.88
CA SER A 43 -25.10 -3.08 -0.19
C SER A 43 -26.47 -2.80 -0.80
N GLY A 44 -26.48 -2.38 -2.06
CA GLY A 44 -27.73 -2.08 -2.74
C GLY A 44 -28.12 -0.62 -2.61
N GLY A 1 16.87 -16.10 7.57
CA GLY A 1 16.08 -15.00 7.06
C GLY A 1 16.29 -14.76 5.58
N SER A 2 15.44 -15.36 4.76
CA SER A 2 15.55 -15.22 3.31
C SER A 2 14.20 -14.83 2.70
N SER A 3 14.22 -14.48 1.42
CA SER A 3 13.00 -14.07 0.72
C SER A 3 13.24 -14.01 -0.79
N GLY A 4 12.17 -13.80 -1.54
CA GLY A 4 12.28 -13.71 -2.99
C GLY A 4 11.32 -12.71 -3.59
N SER A 5 11.85 -11.59 -4.07
CA SER A 5 11.03 -10.54 -4.66
C SER A 5 11.87 -9.62 -5.54
N SER A 6 11.22 -8.95 -6.48
CA SER A 6 11.91 -8.04 -7.39
C SER A 6 11.31 -6.64 -7.30
N GLY A 7 11.94 -5.68 -7.99
CA GLY A 7 11.46 -4.31 -7.98
C GLY A 7 12.47 -3.35 -7.41
N HIS A 8 13.62 -3.24 -8.06
CA HIS A 8 14.67 -2.33 -7.60
C HIS A 8 14.60 -1.00 -8.34
N THR A 9 14.44 -1.06 -9.66
CA THR A 9 14.36 0.15 -10.47
C THR A 9 13.00 0.82 -10.32
N ARG A 10 11.93 0.06 -10.54
CA ARG A 10 10.58 0.59 -10.41
C ARG A 10 9.96 0.20 -9.08
N LYS A 11 9.54 1.20 -8.31
CA LYS A 11 8.93 0.97 -7.01
C LYS A 11 7.44 1.29 -7.05
N ARG A 12 6.68 0.57 -6.24
CA ARG A 12 5.22 0.77 -6.18
C ARG A 12 4.77 0.99 -4.74
N TYR A 13 3.76 1.83 -4.56
CA TYR A 13 3.23 2.12 -3.23
C TYR A 13 2.59 0.88 -2.61
N GLU A 14 3.02 0.56 -1.39
CA GLU A 14 2.48 -0.60 -0.69
C GLU A 14 1.57 -0.18 0.46
N CYS A 15 0.65 -1.05 0.84
CA CYS A 15 -0.28 -0.77 1.92
C CYS A 15 0.19 -1.41 3.23
N SER A 16 0.40 -0.59 4.24
CA SER A 16 0.84 -1.07 5.54
C SER A 16 -0.34 -1.54 6.39
N LYS A 17 -1.35 -2.08 5.73
CA LYS A 17 -2.54 -2.57 6.42
C LYS A 17 -2.89 -3.99 5.96
N CYS A 18 -2.70 -4.25 4.67
CA CYS A 18 -2.99 -5.56 4.11
C CYS A 18 -1.83 -6.06 3.26
N GLN A 19 -0.78 -5.25 3.16
CA GLN A 19 0.39 -5.61 2.38
C GLN A 19 0.03 -5.78 0.91
N ALA A 20 -0.60 -4.76 0.34
CA ALA A 20 -1.00 -4.80 -1.06
C ALA A 20 -0.09 -3.92 -1.91
N THR A 21 -0.33 -3.92 -3.23
CA THR A 21 0.48 -3.13 -4.15
C THR A 21 -0.41 -2.28 -5.06
N PHE A 22 0.11 -1.14 -5.48
CA PHE A 22 -0.63 -0.23 -6.35
C PHE A 22 0.30 0.47 -7.32
N ASN A 23 -0.13 0.58 -8.58
CA ASN A 23 0.68 1.23 -9.61
C ASN A 23 0.60 2.75 -9.47
N LEU A 24 -0.60 3.26 -9.24
CA LEU A 24 -0.81 4.70 -9.09
C LEU A 24 -0.93 5.07 -7.61
N ARG A 25 -0.89 6.38 -7.34
CA ARG A 25 -1.00 6.88 -5.98
C ARG A 25 -2.47 6.90 -5.52
N LYS A 26 -3.26 7.73 -6.18
CA LYS A 26 -4.67 7.85 -5.85
C LYS A 26 -5.28 6.49 -5.52
N HIS A 27 -4.85 5.47 -6.25
CA HIS A 27 -5.35 4.11 -6.03
C HIS A 27 -5.15 3.69 -4.58
N LEU A 28 -3.96 3.96 -4.04
CA LEU A 28 -3.64 3.61 -2.67
C LEU A 28 -4.56 4.34 -1.70
N ILE A 29 -4.56 5.66 -1.77
CA ILE A 29 -5.40 6.48 -0.90
C ILE A 29 -6.87 6.05 -0.99
N GLN A 30 -7.33 5.81 -2.22
CA GLN A 30 -8.71 5.40 -2.45
C GLN A 30 -8.99 4.04 -1.81
N HIS A 31 -7.94 3.25 -1.65
CA HIS A 31 -8.06 1.93 -1.05
C HIS A 31 -8.20 2.01 0.46
N GLN A 32 -7.32 2.80 1.08
CA GLN A 32 -7.34 2.98 2.53
C GLN A 32 -8.77 3.07 3.05
N LYS A 33 -9.63 3.72 2.27
CA LYS A 33 -11.03 3.89 2.65
C LYS A 33 -11.61 2.57 3.18
N THR A 34 -11.36 1.49 2.44
CA THR A 34 -11.85 0.18 2.83
C THR A 34 -11.36 -0.21 4.22
N HIS A 35 -10.17 0.26 4.58
CA HIS A 35 -9.58 -0.03 5.88
C HIS A 35 -10.26 0.80 6.97
N ALA A 36 -10.65 2.02 6.63
CA ALA A 36 -11.30 2.91 7.57
C ALA A 36 -12.23 2.14 8.50
N ALA A 37 -12.03 2.32 9.80
CA ALA A 37 -12.85 1.65 10.80
C ALA A 37 -14.28 1.47 10.31
N LYS A 38 -14.84 2.52 9.72
CA LYS A 38 -16.20 2.47 9.20
C LYS A 38 -16.31 1.49 8.04
N SER A 39 -16.94 0.36 8.30
CA SER A 39 -17.12 -0.67 7.28
C SER A 39 -18.56 -1.18 7.26
N GLY A 40 -19.51 -0.26 7.42
CA GLY A 40 -20.91 -0.63 7.41
C GLY A 40 -21.37 -1.17 8.75
N PRO A 41 -22.60 -1.71 8.79
CA PRO A 41 -23.18 -2.27 10.01
C PRO A 41 -22.50 -3.56 10.44
N SER A 42 -22.26 -4.45 9.49
CA SER A 42 -21.60 -5.72 9.77
C SER A 42 -20.73 -6.16 8.60
N SER A 43 -19.64 -6.86 8.92
CA SER A 43 -18.72 -7.33 7.89
C SER A 43 -18.99 -8.79 7.55
N GLY A 44 -19.04 -9.64 8.57
CA GLY A 44 -19.29 -11.05 8.36
C GLY A 44 -18.45 -11.94 9.25
#